data_2BX7
#
_entry.id   2BX7
#
_cell.length_a   53.710
_cell.length_b   108.127
_cell.length_c   66.216
_cell.angle_alpha   90.00
_cell.angle_beta   104.06
_cell.angle_gamma   90.00
#
_symmetry.space_group_name_H-M   'P 1 21 1'
#
loop_
_entity.id
_entity.type
_entity.pdbx_description
1 polymer 'DIHYDROOROTATE DEHYDROGENASE'
2 non-polymer 'FLAVIN MONONUCLEOTIDE'
3 non-polymer 'ACETATE ION'
4 non-polymer 'MAGNESIUM ION'
5 non-polymer GLYCEROL
6 non-polymer 3,5-DIHYDROXYBENZOATE
7 water water
#
_entity_poly.entity_id   1
_entity_poly.type   'polypeptide(L)'
_entity_poly.pdbx_seq_one_letter_code
;MLNTTFANAKFANPFMNASGVHCMTIEDLEELKASQAGAYITKSSTLEKREGNPLPRYVDLELGSINSMGLPNLGFDYYL
DYVLKNQKENAQEGPIFFSIAGMSAAENIAMLKKIQESDFSGITELNLSCPNVPGKPQLAYDFEATEKLLKEVFTFFTKP
LGVKLPPYFDLVHFDIMAEILNQFPLTYVNSVNSIGNGLFIDPEAESVVIKPKDGFGGIGGAYIKPTALANVRAFYTRLK
PEIQIIGTGGIETGQDAFEHLLCGATMLQIGTALHKEGPAIFDRIIKELEEIMNQKGYQSIADFHGKLKSL
;
_entity_poly.pdbx_strand_id   A,B
#
loop_
_chem_comp.id
_chem_comp.type
_chem_comp.name
_chem_comp.formula
34D non-polymer 3,5-DIHYDROXYBENZOATE 'C7 H6 O4'
ACT non-polymer 'ACETATE ION' 'C2 H3 O2 -1'
FMN non-polymer 'FLAVIN MONONUCLEOTIDE' 'C17 H21 N4 O9 P'
GOL non-polymer GLYCEROL 'C3 H8 O3'
MG non-polymer 'MAGNESIUM ION' 'Mg 2'
#
# COMPACT_ATOMS: atom_id res chain seq x y z
N MET A 1 -13.10 -31.54 -4.02
CA MET A 1 -13.73 -30.31 -3.53
C MET A 1 -13.17 -29.05 -4.19
N LEU A 2 -11.86 -29.05 -4.48
CA LEU A 2 -11.13 -27.84 -4.92
C LEU A 2 -10.87 -27.78 -6.41
N ASN A 3 -11.30 -28.83 -7.12
CA ASN A 3 -11.24 -28.85 -8.58
C ASN A 3 -11.59 -27.50 -9.20
N THR A 4 -10.72 -27.02 -10.09
CA THR A 4 -10.80 -25.70 -10.64
C THR A 4 -10.58 -25.72 -12.15
N THR A 5 -11.36 -24.89 -12.85
CA THR A 5 -11.18 -24.67 -14.26
C THR A 5 -10.65 -23.25 -14.50
N PHE A 6 -9.55 -23.13 -15.22
CA PHE A 6 -8.92 -21.85 -15.42
C PHE A 6 -8.18 -21.86 -16.72
N ALA A 7 -8.32 -20.80 -17.51
CA ALA A 7 -7.75 -20.73 -18.86
C ALA A 7 -8.08 -21.99 -19.69
N ASN A 8 -9.31 -22.48 -19.56
CA ASN A 8 -9.77 -23.73 -20.19
C ASN A 8 -8.99 -25.00 -19.86
N ALA A 9 -8.23 -24.98 -18.78
CA ALA A 9 -7.54 -26.16 -18.30
C ALA A 9 -8.11 -26.61 -16.93
N LYS A 10 -7.88 -27.87 -16.60
CA LYS A 10 -8.32 -28.40 -15.33
C LYS A 10 -7.13 -28.52 -14.38
N PHE A 11 -7.33 -28.01 -13.16
CA PHE A 11 -6.39 -28.13 -12.06
C PHE A 11 -7.08 -28.81 -10.86
N ALA A 12 -6.31 -29.58 -10.10
CA ALA A 12 -6.89 -30.31 -8.93
C ALA A 12 -7.31 -29.36 -7.79
N ASN A 13 -6.65 -28.21 -7.74
CA ASN A 13 -6.90 -27.20 -6.71
C ASN A 13 -6.35 -25.86 -7.20
N PRO A 14 -6.81 -24.74 -6.63
CA PRO A 14 -6.38 -23.42 -7.16
C PRO A 14 -4.99 -22.95 -6.72
N PHE A 15 -4.34 -23.64 -5.78
CA PHE A 15 -3.09 -23.19 -5.17
C PHE A 15 -1.85 -23.33 -6.03
N MET A 16 -1.05 -22.26 -6.06
CA MET A 16 0.22 -22.22 -6.73
C MET A 16 1.22 -21.49 -5.85
N ASN A 17 2.50 -21.61 -6.18
CA ASN A 17 3.48 -20.65 -5.74
C ASN A 17 3.30 -19.31 -6.49
N ALA A 18 3.74 -18.24 -5.82
CA ALA A 18 3.88 -16.95 -6.46
C ALA A 18 5.21 -16.95 -7.14
N SER A 19 5.28 -16.29 -8.32
CA SER A 19 6.53 -16.18 -9.05
C SER A 19 7.56 -15.50 -8.14
N GLY A 20 8.80 -15.99 -8.23
CA GLY A 20 9.91 -15.55 -7.41
C GLY A 20 10.15 -16.41 -6.18
N VAL A 21 9.18 -17.21 -5.78
CA VAL A 21 9.31 -18.01 -4.57
C VAL A 21 9.37 -19.50 -4.92
N HIS A 22 10.43 -20.17 -4.52
CA HIS A 22 10.62 -21.59 -4.71
C HIS A 22 10.52 -22.07 -6.18
N CYS A 23 11.07 -21.30 -7.09
CA CYS A 23 10.94 -21.57 -8.53
C CYS A 23 12.12 -21.08 -9.35
N MET A 24 13.29 -20.93 -8.72
CA MET A 24 14.47 -20.41 -9.39
C MET A 24 15.15 -21.47 -10.30
N THR A 25 15.29 -22.68 -9.75
CA THR A 25 16.01 -23.78 -10.42
C THR A 25 15.04 -24.89 -10.77
N ILE A 26 15.52 -25.83 -11.57
CA ILE A 26 14.81 -27.04 -11.92
C ILE A 26 14.49 -27.81 -10.70
N GLU A 27 15.43 -27.89 -9.78
CA GLU A 27 15.18 -28.62 -8.54
C GLU A 27 14.03 -28.00 -7.71
N ASP A 28 14.00 -26.66 -7.65
CA ASP A 28 12.88 -25.96 -7.00
C ASP A 28 11.56 -26.34 -7.70
N LEU A 29 11.56 -26.28 -9.01
CA LEU A 29 10.34 -26.51 -9.76
C LEU A 29 9.83 -27.93 -9.58
N GLU A 30 10.72 -28.90 -9.45
CA GLU A 30 10.33 -30.30 -9.33
C GLU A 30 9.79 -30.54 -7.95
N GLU A 31 10.27 -29.75 -6.99
CA GLU A 31 9.72 -29.86 -5.62
C GLU A 31 8.25 -29.37 -5.62
N LEU A 32 7.96 -28.35 -6.42
CA LEU A 32 6.60 -27.84 -6.57
C LEU A 32 5.73 -28.85 -7.33
N LYS A 33 6.27 -29.42 -8.41
CA LYS A 33 5.57 -30.55 -9.12
C LYS A 33 5.22 -31.65 -8.12
N ALA A 34 6.16 -32.00 -7.25
CA ALA A 34 5.93 -33.10 -6.27
C ALA A 34 4.94 -32.74 -5.14
N SER A 35 4.81 -31.44 -4.84
CA SER A 35 3.91 -30.96 -3.79
C SER A 35 2.44 -31.07 -4.23
N GLN A 36 1.55 -30.74 -3.31
CA GLN A 36 0.10 -30.72 -3.58
C GLN A 36 -0.42 -29.44 -4.29
N ALA A 37 0.49 -28.55 -4.64
CA ALA A 37 0.12 -27.38 -5.41
C ALA A 37 -0.63 -27.80 -6.66
N GLY A 38 -1.74 -27.14 -6.93
CA GLY A 38 -2.50 -27.39 -8.14
C GLY A 38 -1.80 -26.98 -9.41
N ALA A 39 -1.01 -25.90 -9.35
CA ALA A 39 -0.13 -25.55 -10.47
C ALA A 39 1.11 -24.87 -9.95
N TYR A 40 2.02 -24.54 -10.85
CA TYR A 40 3.20 -23.80 -10.45
C TYR A 40 3.70 -22.93 -11.59
N ILE A 41 4.46 -21.92 -11.20
CA ILE A 41 4.99 -20.92 -12.12
C ILE A 41 6.49 -20.74 -11.94
N THR A 42 7.18 -20.40 -13.03
CA THR A 42 8.60 -20.17 -12.97
C THR A 42 8.89 -18.79 -12.41
N LYS A 43 10.11 -18.65 -11.88
CA LYS A 43 10.72 -17.35 -11.60
C LYS A 43 10.67 -16.43 -12.83
N SER A 44 10.26 -15.19 -12.64
CA SER A 44 10.30 -14.24 -13.74
C SER A 44 11.68 -14.23 -14.39
N SER A 45 11.73 -14.33 -15.71
CA SER A 45 13.01 -14.38 -16.38
C SER A 45 13.28 -13.21 -17.29
N THR A 46 14.55 -13.00 -17.53
CA THR A 46 15.03 -12.02 -18.48
C THR A 46 15.81 -12.80 -19.53
N LEU A 47 16.20 -12.11 -20.60
CA LEU A 47 16.86 -12.75 -21.73
C LEU A 47 18.14 -13.37 -21.28
N GLU A 48 18.89 -12.64 -20.47
CA GLU A 48 20.15 -13.15 -19.91
C GLU A 48 20.03 -13.53 -18.41
N LYS A 49 20.84 -14.51 -18.01
CA LYS A 49 21.03 -14.85 -16.60
C LYS A 49 21.40 -13.58 -15.82
N ARG A 50 20.86 -13.45 -14.61
CA ARG A 50 21.12 -12.30 -13.73
C ARG A 50 21.44 -12.80 -12.33
N GLU A 51 22.52 -12.28 -11.75
CA GLU A 51 22.86 -12.51 -10.35
C GLU A 51 21.84 -11.84 -9.40
N GLY A 52 21.28 -10.71 -9.78
CA GLY A 52 20.39 -9.96 -8.89
C GLY A 52 21.14 -9.00 -7.97
N ASN A 53 20.49 -8.50 -6.93
CA ASN A 53 21.04 -7.48 -6.05
C ASN A 53 21.96 -8.06 -4.98
N PRO A 54 22.80 -7.22 -4.38
CA PRO A 54 23.63 -7.65 -3.26
C PRO A 54 22.83 -8.11 -2.00
N LEU A 55 23.44 -8.95 -1.19
CA LEU A 55 22.78 -9.44 0.01
C LEU A 55 23.13 -8.55 1.22
N PRO A 56 22.31 -8.52 2.28
CA PRO A 56 21.03 -9.26 2.35
C PRO A 56 19.94 -8.58 1.51
N ARG A 57 19.08 -9.38 0.89
CA ARG A 57 18.02 -8.84 0.00
C ARG A 57 16.64 -9.43 0.28
N TYR A 58 16.51 -10.22 1.33
CA TYR A 58 15.24 -10.73 1.71
C TYR A 58 15.30 -10.94 3.20
N VAL A 59 14.30 -10.47 3.92
CA VAL A 59 14.19 -10.66 5.33
C VAL A 59 12.76 -11.04 5.70
N ASP A 60 12.62 -12.11 6.50
CA ASP A 60 11.37 -12.49 7.15
C ASP A 60 10.97 -11.52 8.24
N LEU A 61 9.68 -11.13 8.27
CA LEU A 61 9.18 -10.19 9.25
C LEU A 61 8.00 -10.81 9.94
N GLU A 62 7.73 -10.35 11.16
CA GLU A 62 6.63 -10.89 11.93
C GLU A 62 5.35 -10.82 11.10
N LEU A 63 5.15 -9.75 10.34
CA LEU A 63 3.89 -9.55 9.62
C LEU A 63 3.98 -9.76 8.08
N GLY A 64 5.12 -10.28 7.63
CA GLY A 64 5.31 -10.74 6.28
C GLY A 64 6.78 -10.80 5.89
N SER A 65 7.14 -10.01 4.89
CA SER A 65 8.49 -10.03 4.38
C SER A 65 8.79 -8.75 3.63
N ILE A 66 10.07 -8.48 3.47
CA ILE A 66 10.59 -7.40 2.64
C ILE A 66 11.70 -7.94 1.77
N ASN A 67 11.75 -7.49 0.50
CA ASN A 67 12.80 -7.97 -0.38
C ASN A 67 13.10 -6.97 -1.43
N SER A 68 14.37 -6.92 -1.85
CA SER A 68 14.75 -6.32 -3.13
C SER A 68 15.64 -7.31 -3.91
N MET A 69 15.03 -8.34 -4.48
CA MET A 69 15.80 -9.46 -5.05
C MET A 69 16.64 -9.03 -6.25
N GLY A 70 16.08 -8.13 -7.08
CA GLY A 70 16.70 -7.65 -8.30
C GLY A 70 16.60 -8.62 -9.48
N LEU A 71 15.54 -9.41 -9.51
CA LEU A 71 15.30 -10.39 -10.58
C LEU A 71 16.47 -11.32 -10.85
N PRO A 72 16.97 -12.02 -9.82
CA PRO A 72 17.96 -13.06 -10.04
C PRO A 72 17.20 -14.17 -10.76
N ASN A 73 17.79 -14.70 -11.84
CA ASN A 73 17.20 -15.77 -12.60
C ASN A 73 18.24 -16.40 -13.51
N LEU A 74 17.97 -17.61 -13.98
CA LEU A 74 18.93 -18.39 -14.74
C LEU A 74 18.78 -18.18 -16.22
N GLY A 75 17.87 -17.28 -16.58
CA GLY A 75 17.75 -16.83 -17.95
C GLY A 75 16.61 -17.53 -18.67
N PHE A 76 16.13 -16.87 -19.71
CA PHE A 76 14.95 -17.29 -20.45
C PHE A 76 15.13 -18.70 -21.04
N ASP A 77 16.26 -18.93 -21.72
CA ASP A 77 16.51 -20.20 -22.40
C ASP A 77 16.46 -21.38 -21.42
N TYR A 78 17.00 -21.18 -20.21
CA TYR A 78 16.93 -22.25 -19.20
C TYR A 78 15.49 -22.61 -18.79
N TYR A 79 14.63 -21.61 -18.56
CA TYR A 79 13.26 -21.96 -18.16
C TYR A 79 12.51 -22.53 -19.39
N LEU A 80 12.71 -21.95 -20.57
CA LEU A 80 12.00 -22.40 -21.76
C LEU A 80 12.34 -23.85 -22.04
N ASP A 81 13.62 -24.21 -21.96
CA ASP A 81 14.01 -25.61 -22.18
C ASP A 81 13.41 -26.51 -21.04
N TYR A 82 13.38 -26.06 -19.79
CA TYR A 82 12.76 -26.90 -18.74
C TYR A 82 11.26 -27.15 -18.99
N VAL A 83 10.51 -26.13 -19.38
CA VAL A 83 9.07 -26.31 -19.57
C VAL A 83 8.76 -27.12 -20.83
N LEU A 84 9.57 -27.01 -21.87
CA LEU A 84 9.38 -27.80 -23.10
C LEU A 84 9.54 -29.28 -22.83
N LYS A 85 10.59 -29.63 -22.08
CA LYS A 85 10.90 -31.01 -21.76
C LYS A 85 9.83 -31.54 -20.84
N ASN A 86 9.31 -30.69 -19.95
CA ASN A 86 8.31 -31.20 -19.01
C ASN A 86 6.89 -31.39 -19.59
N GLN A 87 6.49 -30.62 -20.60
CA GLN A 87 5.18 -30.83 -21.24
C GLN A 87 5.15 -32.09 -22.09
N LYS A 88 6.28 -32.52 -22.67
CA LYS A 88 6.38 -33.81 -23.40
C LYS A 88 6.15 -35.04 -22.48
N GLU A 89 6.52 -34.93 -21.20
CA GLU A 89 6.38 -36.05 -20.27
C GLU A 89 4.89 -36.35 -19.84
N ASN A 90 3.97 -35.37 -20.01
CA ASN A 90 2.54 -35.55 -19.63
C ASN A 90 2.42 -36.06 -18.16
N ALA A 91 3.22 -35.44 -17.28
CA ALA A 91 3.46 -35.93 -15.93
C ALA A 91 2.76 -35.11 -14.84
N GLN A 92 1.91 -34.16 -15.25
CA GLN A 92 1.10 -33.37 -14.31
C GLN A 92 -0.28 -32.98 -14.91
N GLU A 93 -1.30 -32.88 -14.02
CA GLU A 93 -2.65 -32.33 -14.33
C GLU A 93 -2.55 -30.79 -14.46
N GLY A 94 -2.66 -30.30 -15.70
CA GLY A 94 -2.63 -28.88 -15.98
C GLY A 94 -1.27 -28.28 -16.33
N PRO A 95 -1.29 -27.25 -17.15
CA PRO A 95 -0.06 -26.71 -17.70
C PRO A 95 0.75 -25.94 -16.63
N ILE A 96 2.02 -25.80 -16.95
CA ILE A 96 2.94 -24.96 -16.23
C ILE A 96 2.75 -23.53 -16.70
N PHE A 97 3.06 -22.62 -15.79
CA PHE A 97 3.04 -21.21 -16.05
C PHE A 97 4.47 -20.71 -16.14
N PHE A 98 4.65 -19.69 -16.96
CA PHE A 98 5.95 -19.21 -17.31
C PHE A 98 5.97 -17.72 -17.21
N SER A 99 6.71 -17.19 -16.24
CA SER A 99 6.82 -15.77 -16.06
C SER A 99 7.97 -15.10 -16.81
N ILE A 100 7.70 -13.97 -17.42
CA ILE A 100 8.74 -13.12 -17.99
C ILE A 100 8.67 -11.71 -17.46
N ALA A 101 9.83 -11.12 -17.19
CA ALA A 101 9.93 -9.73 -16.72
C ALA A 101 11.10 -9.01 -17.39
N GLY A 102 10.97 -8.75 -18.68
CA GLY A 102 11.98 -8.01 -19.41
C GLY A 102 12.33 -6.65 -18.80
N MET A 103 13.62 -6.26 -18.88
CA MET A 103 14.10 -4.97 -18.38
C MET A 103 13.68 -3.87 -19.33
N SER A 104 13.18 -4.23 -20.50
CA SER A 104 12.61 -3.23 -21.41
C SER A 104 11.44 -3.81 -22.19
N ALA A 105 10.70 -2.93 -22.85
CA ALA A 105 9.62 -3.35 -23.75
C ALA A 105 10.17 -4.30 -24.79
N ALA A 106 11.23 -3.86 -25.45
CA ALA A 106 11.84 -4.70 -26.50
C ALA A 106 12.21 -6.12 -26.01
N GLU A 107 12.67 -6.22 -24.78
CA GLU A 107 13.08 -7.50 -24.21
C GLU A 107 11.85 -8.39 -23.92
N ASN A 108 10.76 -7.80 -23.47
CA ASN A 108 9.50 -8.53 -23.34
C ASN A 108 8.95 -9.02 -24.69
N ILE A 109 9.01 -8.18 -25.69
CA ILE A 109 8.52 -8.57 -27.02
C ILE A 109 9.37 -9.74 -27.58
N ALA A 110 10.67 -9.66 -27.35
CA ALA A 110 11.59 -10.69 -27.82
C ALA A 110 11.32 -12.01 -27.15
N MET A 111 11.08 -12.00 -25.83
CA MET A 111 10.75 -13.26 -25.14
C MET A 111 9.37 -13.77 -25.57
N LEU A 112 8.39 -12.89 -25.65
CA LEU A 112 7.07 -13.31 -26.10
C LEU A 112 7.13 -13.92 -27.52
N LYS A 113 7.99 -13.41 -28.40
CA LYS A 113 8.15 -13.98 -29.75
C LYS A 113 8.76 -15.37 -29.68
N LYS A 114 9.79 -15.57 -28.84
CA LYS A 114 10.37 -16.91 -28.69
C LYS A 114 9.34 -17.91 -28.11
N ILE A 115 8.50 -17.46 -27.19
CA ILE A 115 7.46 -18.35 -26.65
C ILE A 115 6.42 -18.71 -27.75
N GLN A 116 5.94 -17.70 -28.48
CA GLN A 116 5.01 -17.92 -29.59
C GLN A 116 5.55 -18.95 -30.61
N GLU A 117 6.83 -18.80 -30.97
CA GLU A 117 7.48 -19.62 -32.00
C GLU A 117 7.73 -21.03 -31.51
N SER A 118 7.96 -21.17 -30.21
CA SER A 118 8.21 -22.47 -29.63
C SER A 118 6.94 -23.30 -29.59
N ASP A 119 7.09 -24.58 -29.24
CA ASP A 119 5.95 -25.46 -29.02
C ASP A 119 5.32 -25.30 -27.63
N PHE A 120 5.68 -24.27 -26.87
CA PHE A 120 5.16 -24.14 -25.53
C PHE A 120 3.63 -24.02 -25.58
N SER A 121 2.96 -24.93 -24.87
CA SER A 121 1.49 -25.06 -24.84
C SER A 121 0.87 -24.70 -23.48
N GLY A 122 1.69 -24.24 -22.51
CA GLY A 122 1.18 -23.80 -21.22
C GLY A 122 0.87 -22.31 -21.24
N ILE A 123 0.93 -21.70 -20.07
CA ILE A 123 0.48 -20.33 -19.87
C ILE A 123 1.60 -19.34 -19.55
N THR A 124 1.55 -18.14 -20.11
CA THR A 124 2.57 -17.14 -19.89
C THR A 124 2.07 -15.99 -19.01
N GLU A 125 2.94 -15.54 -18.09
CA GLU A 125 2.64 -14.40 -17.23
C GLU A 125 3.65 -13.33 -17.47
N LEU A 126 3.15 -12.21 -17.97
CA LEU A 126 3.94 -11.03 -18.24
C LEU A 126 3.89 -10.13 -17.01
N ASN A 127 5.05 -9.96 -16.40
CA ASN A 127 5.16 -9.22 -15.16
C ASN A 127 5.32 -7.76 -15.51
N LEU A 128 4.31 -6.95 -15.26
CA LEU A 128 4.40 -5.50 -15.53
C LEU A 128 4.64 -4.69 -14.27
N SER A 129 5.29 -5.27 -13.29
CA SER A 129 5.22 -4.73 -11.93
C SER A 129 6.44 -5.00 -11.11
N CYS A 130 7.60 -5.21 -11.73
CA CYS A 130 8.75 -5.60 -10.91
C CYS A 130 9.28 -4.36 -10.17
N PRO A 131 9.14 -4.30 -8.83
CA PRO A 131 9.40 -3.06 -8.09
C PRO A 131 10.81 -2.99 -7.50
N ASN A 132 11.70 -3.91 -7.87
CA ASN A 132 12.99 -4.07 -7.18
C ASN A 132 14.23 -3.95 -8.10
N VAL A 133 14.04 -3.27 -9.23
CA VAL A 133 15.09 -3.10 -10.25
C VAL A 133 15.37 -1.57 -10.43
N PRO A 134 16.53 -1.06 -9.97
CA PRO A 134 16.71 0.41 -9.80
C PRO A 134 16.90 1.25 -11.09
N GLY A 135 15.80 1.76 -11.64
CA GLY A 135 15.82 2.46 -12.92
C GLY A 135 14.65 2.12 -13.82
N LYS A 136 13.98 0.97 -13.59
CA LYS A 136 12.65 0.66 -14.22
C LYS A 136 11.46 0.97 -13.24
N PRO A 137 10.75 2.11 -13.45
CA PRO A 137 9.55 2.45 -12.64
C PRO A 137 8.26 1.66 -13.03
N GLN A 138 7.80 0.76 -12.13
CA GLN A 138 6.67 -0.15 -12.35
C GLN A 138 5.84 0.27 -13.58
N LEU A 139 5.91 -0.52 -14.66
CA LEU A 139 5.35 -0.13 -15.97
C LEU A 139 3.83 -0.02 -15.90
N ALA A 140 3.19 -0.82 -15.03
CA ALA A 140 1.73 -0.87 -14.92
C ALA A 140 1.16 0.30 -14.12
N TYR A 141 2.04 1.17 -13.62
CA TYR A 141 1.66 2.47 -13.11
C TYR A 141 1.76 3.57 -14.21
N ASP A 142 2.16 3.16 -15.41
CA ASP A 142 2.28 4.06 -16.56
C ASP A 142 1.26 3.53 -17.57
N PHE A 143 0.06 4.07 -17.51
CA PHE A 143 -1.08 3.53 -18.25
C PHE A 143 -0.94 3.64 -19.75
N GLU A 144 -0.30 4.71 -20.21
CA GLU A 144 0.05 4.92 -21.63
C GLU A 144 1.03 3.84 -22.11
N ALA A 145 2.13 3.64 -21.38
CA ALA A 145 3.14 2.67 -21.77
C ALA A 145 2.62 1.23 -21.70
N THR A 146 1.72 0.99 -20.74
CA THR A 146 1.13 -0.34 -20.57
C THR A 146 0.21 -0.67 -21.76
N GLU A 147 -0.60 0.30 -22.18
CA GLU A 147 -1.49 0.10 -23.33
C GLU A 147 -0.67 -0.13 -24.62
N LYS A 148 0.33 0.72 -24.85
CA LYS A 148 1.22 0.61 -26.01
C LYS A 148 1.92 -0.77 -26.10
N LEU A 149 2.51 -1.22 -24.99
CA LEU A 149 3.11 -2.55 -24.93
C LEU A 149 2.11 -3.63 -25.27
N LEU A 150 0.92 -3.59 -24.67
CA LEU A 150 -0.04 -4.67 -24.86
C LEU A 150 -0.61 -4.70 -26.28
N LYS A 151 -0.77 -3.55 -26.91
CA LYS A 151 -1.22 -3.50 -28.29
C LYS A 151 -0.23 -4.23 -29.20
N GLU A 152 1.05 -3.98 -29.00
CA GLU A 152 2.08 -4.65 -29.78
C GLU A 152 2.09 -6.15 -29.54
N VAL A 153 2.01 -6.56 -28.28
CA VAL A 153 2.00 -7.96 -27.94
C VAL A 153 0.88 -8.71 -28.66
N PHE A 154 -0.32 -8.14 -28.67
CA PHE A 154 -1.46 -8.84 -29.25
C PHE A 154 -1.60 -8.80 -30.80
N THR A 155 -0.67 -8.13 -31.46
CA THR A 155 -0.54 -8.26 -32.92
C THR A 155 0.13 -9.57 -33.30
N PHE A 156 0.68 -10.32 -32.33
CA PHE A 156 1.37 -11.56 -32.66
C PHE A 156 1.22 -12.71 -31.64
N PHE A 157 0.99 -12.41 -30.37
CA PHE A 157 0.95 -13.45 -29.34
C PHE A 157 -0.46 -14.00 -29.23
N THR A 158 -0.64 -15.26 -29.63
CA THR A 158 -1.95 -15.88 -29.61
C THR A 158 -2.11 -16.85 -28.46
N LYS A 159 -1.03 -17.12 -27.72
CA LYS A 159 -1.06 -18.13 -26.67
C LYS A 159 -1.59 -17.51 -25.36
N PRO A 160 -1.96 -18.33 -24.41
CA PRO A 160 -2.61 -17.82 -23.20
C PRO A 160 -1.67 -16.91 -22.41
N LEU A 161 -2.14 -15.69 -22.14
CA LEU A 161 -1.31 -14.65 -21.54
C LEU A 161 -2.05 -13.98 -20.39
N GLY A 162 -1.37 -13.87 -19.26
CA GLY A 162 -1.84 -13.06 -18.16
C GLY A 162 -0.80 -12.01 -17.82
N VAL A 163 -1.23 -11.01 -17.05
CA VAL A 163 -0.36 -9.95 -16.62
C VAL A 163 -0.38 -9.91 -15.08
N LYS A 164 0.82 -9.83 -14.50
CA LYS A 164 1.00 -9.66 -13.08
C LYS A 164 1.09 -8.16 -12.83
N LEU A 165 0.20 -7.66 -12.00
CA LEU A 165 0.04 -6.25 -11.76
C LEU A 165 0.45 -5.92 -10.34
N PRO A 166 0.91 -4.71 -10.17
CA PRO A 166 1.14 -4.14 -8.86
C PRO A 166 -0.20 -3.66 -8.32
N PRO A 167 -0.24 -3.38 -7.03
CA PRO A 167 -1.50 -2.93 -6.42
C PRO A 167 -1.85 -1.51 -6.80
N TYR A 168 -3.14 -1.26 -6.97
CA TYR A 168 -3.67 0.10 -7.12
C TYR A 168 -4.48 0.45 -5.89
N PHE A 169 -4.56 1.74 -5.64
CA PHE A 169 -5.08 2.27 -4.37
C PHE A 169 -6.17 3.34 -4.57
N ASP A 170 -6.62 3.46 -5.81
CA ASP A 170 -7.55 4.49 -6.24
C ASP A 170 -8.56 3.90 -7.23
N LEU A 171 -9.86 4.06 -6.95
CA LEU A 171 -10.89 3.46 -7.79
C LEU A 171 -10.80 3.87 -9.24
N VAL A 172 -10.41 5.11 -9.49
CA VAL A 172 -10.26 5.57 -10.87
C VAL A 172 -9.14 4.81 -11.55
N HIS A 173 -8.07 4.50 -10.82
CA HIS A 173 -7.02 3.67 -11.40
C HIS A 173 -7.54 2.30 -11.87
N PHE A 174 -8.40 1.68 -11.08
CA PHE A 174 -8.96 0.40 -11.49
C PHE A 174 -9.79 0.58 -12.78
N ASP A 175 -10.50 1.69 -12.90
CA ASP A 175 -11.37 1.92 -14.09
C ASP A 175 -10.53 2.08 -15.35
N ILE A 176 -9.44 2.84 -15.23
CA ILE A 176 -8.54 3.08 -16.35
C ILE A 176 -7.89 1.77 -16.78
N MET A 177 -7.37 0.98 -15.83
CA MET A 177 -6.69 -0.25 -16.17
C MET A 177 -7.66 -1.26 -16.76
N ALA A 178 -8.86 -1.36 -16.19
CA ALA A 178 -9.85 -2.28 -16.73
C ALA A 178 -10.25 -1.92 -18.17
N GLU A 179 -10.35 -0.64 -18.52
CA GLU A 179 -10.70 -0.23 -19.88
C GLU A 179 -9.55 -0.57 -20.83
N ILE A 180 -8.32 -0.39 -20.38
CA ILE A 180 -7.20 -0.86 -21.14
C ILE A 180 -7.22 -2.38 -21.36
N LEU A 181 -7.34 -3.13 -20.28
CA LEU A 181 -7.22 -4.60 -20.35
C LEU A 181 -8.39 -5.30 -21.05
N ASN A 182 -9.59 -4.77 -20.90
CA ASN A 182 -10.78 -5.36 -21.49
C ASN A 182 -10.76 -5.31 -23.05
N GLN A 183 -9.99 -4.41 -23.65
CA GLN A 183 -9.88 -4.43 -25.12
C GLN A 183 -9.04 -5.58 -25.74
N PHE A 184 -8.41 -6.42 -24.91
CA PHE A 184 -7.52 -7.49 -25.38
C PHE A 184 -8.01 -8.88 -25.04
N PRO A 185 -7.61 -9.89 -25.81
CA PRO A 185 -7.94 -11.28 -25.49
C PRO A 185 -6.96 -11.86 -24.45
N LEU A 186 -6.87 -11.17 -23.32
CA LEU A 186 -6.07 -11.59 -22.17
C LEU A 186 -6.72 -12.76 -21.50
N THR A 187 -5.93 -13.73 -21.08
CA THR A 187 -6.45 -14.84 -20.30
C THR A 187 -6.71 -14.47 -18.83
N TYR A 188 -5.85 -13.64 -18.23
CA TYR A 188 -6.02 -13.30 -16.81
C TYR A 188 -5.22 -12.13 -16.36
N VAL A 189 -5.64 -11.67 -15.19
CA VAL A 189 -4.95 -10.68 -14.39
C VAL A 189 -4.56 -11.34 -13.06
N ASN A 190 -3.33 -11.08 -12.64
CA ASN A 190 -2.82 -11.58 -11.35
C ASN A 190 -2.58 -10.39 -10.41
N SER A 191 -3.44 -10.20 -9.42
CA SER A 191 -3.32 -9.14 -8.44
C SER A 191 -3.06 -9.80 -7.09
N VAL A 192 -1.99 -9.45 -6.37
CA VAL A 192 -1.04 -8.37 -6.67
C VAL A 192 0.42 -8.83 -6.47
N ASN A 193 1.29 -8.10 -7.13
CA ASN A 193 2.68 -8.07 -6.79
C ASN A 193 2.86 -7.33 -5.45
N SER A 194 4.08 -7.34 -4.96
CA SER A 194 4.43 -6.70 -3.68
C SER A 194 3.97 -5.27 -3.57
N ILE A 195 3.60 -4.87 -2.36
CA ILE A 195 3.51 -3.44 -2.10
C ILE A 195 4.88 -2.81 -2.22
N GLY A 196 5.02 -1.92 -3.19
CA GLY A 196 6.31 -1.44 -3.58
C GLY A 196 6.93 -0.46 -2.61
N ASN A 197 8.26 -0.61 -2.46
CA ASN A 197 9.11 0.40 -1.86
C ASN A 197 8.70 0.82 -0.46
N GLY A 198 8.41 -0.18 0.36
CA GLY A 198 8.30 -0.06 1.81
C GLY A 198 9.67 -0.13 2.50
N LEU A 199 9.69 0.21 3.77
CA LEU A 199 10.91 0.25 4.55
C LEU A 199 10.72 -0.54 5.83
N PHE A 200 11.72 -1.32 6.19
CA PHE A 200 11.67 -1.96 7.55
C PHE A 200 12.96 -1.56 8.21
N ILE A 201 12.84 -1.29 9.51
CA ILE A 201 13.96 -0.78 10.31
C ILE A 201 14.22 -1.63 11.53
N ASP A 202 15.49 -1.94 11.77
CA ASP A 202 15.96 -2.55 13.01
C ASP A 202 16.25 -1.38 13.94
N PRO A 203 15.46 -1.19 14.97
CA PRO A 203 15.60 0.02 15.80
C PRO A 203 16.85 -0.05 16.73
N GLU A 204 17.27 -1.24 17.16
CA GLU A 204 18.52 -1.38 17.93
C GLU A 204 19.75 -0.91 17.15
N ALA A 205 19.94 -1.42 15.93
CA ALA A 205 21.07 -1.04 15.08
C ALA A 205 20.85 0.27 14.35
N GLU A 206 19.64 0.81 14.48
CA GLU A 206 19.24 2.05 13.80
C GLU A 206 19.45 2.00 12.33
N SER A 207 19.08 0.86 11.76
CA SER A 207 19.49 0.58 10.41
C SER A 207 18.39 -0.17 9.64
N VAL A 208 18.38 0.04 8.34
CA VAL A 208 17.59 -0.78 7.42
C VAL A 208 18.14 -2.20 7.41
N VAL A 209 17.37 -3.14 6.85
CA VAL A 209 17.66 -4.56 6.92
C VAL A 209 17.95 -5.19 5.57
N ILE A 210 17.86 -4.43 4.48
CA ILE A 210 18.35 -4.94 3.22
C ILE A 210 19.30 -3.97 2.64
N LYS A 211 20.25 -4.51 1.86
CA LYS A 211 21.35 -3.75 1.30
C LYS A 211 21.01 -2.90 0.09
N PRO A 212 20.29 -3.44 -0.88
CA PRO A 212 19.97 -2.64 -2.08
C PRO A 212 19.03 -1.48 -1.79
N LYS A 213 19.11 -0.44 -2.61
CA LYS A 213 18.16 0.66 -2.61
C LYS A 213 17.92 1.30 -1.25
N ASP A 214 18.98 1.43 -0.46
CA ASP A 214 18.89 2.05 0.89
C ASP A 214 17.82 1.43 1.78
N GLY A 215 17.57 0.14 1.53
CA GLY A 215 16.70 -0.68 2.38
C GLY A 215 15.23 -0.69 1.97
N PHE A 216 14.90 0.02 0.91
CA PHE A 216 13.55 0.06 0.35
C PHE A 216 13.32 -1.27 -0.42
N GLY A 217 12.17 -1.91 -0.18
CA GLY A 217 11.85 -3.23 -0.73
C GLY A 217 10.36 -3.46 -0.91
N GLY A 218 10.01 -4.46 -1.72
CA GLY A 218 8.65 -4.88 -1.90
C GLY A 218 8.19 -5.57 -0.62
N ILE A 219 6.99 -5.23 -0.16
CA ILE A 219 6.41 -5.79 1.04
C ILE A 219 5.42 -6.89 0.67
N GLY A 220 5.50 -7.99 1.41
CA GLY A 220 4.53 -9.05 1.25
C GLY A 220 4.05 -9.57 2.58
N GLY A 221 3.09 -10.47 2.52
CA GLY A 221 2.56 -11.14 3.70
C GLY A 221 1.34 -10.43 4.25
N ALA A 222 1.07 -10.65 5.53
CA ALA A 222 -0.13 -10.15 6.18
C ALA A 222 -0.30 -8.62 6.07
N TYR A 223 0.80 -7.87 6.01
CA TYR A 223 0.73 -6.46 5.75
C TYR A 223 -0.21 -6.11 4.57
N ILE A 224 -0.23 -6.97 3.53
CA ILE A 224 -0.76 -6.53 2.23
C ILE A 224 -2.11 -7.13 1.90
N LYS A 225 -2.62 -8.01 2.77
CA LYS A 225 -3.80 -8.73 2.39
C LYS A 225 -4.95 -7.78 2.10
N PRO A 226 -5.19 -6.74 2.93
CA PRO A 226 -6.27 -5.83 2.64
C PRO A 226 -6.19 -5.21 1.25
N THR A 227 -4.99 -4.90 0.82
CA THR A 227 -4.77 -4.33 -0.52
C THR A 227 -4.97 -5.36 -1.62
N ALA A 228 -4.53 -6.57 -1.31
CA ALA A 228 -4.58 -7.66 -2.27
C ALA A 228 -6.01 -8.00 -2.54
N LEU A 229 -6.77 -8.26 -1.48
CA LEU A 229 -8.17 -8.56 -1.60
C LEU A 229 -8.90 -7.45 -2.34
N ALA A 230 -8.62 -6.22 -2.04
CA ALA A 230 -9.27 -5.12 -2.73
C ALA A 230 -9.01 -5.10 -4.22
N ASN A 231 -7.80 -5.47 -4.59
CA ASN A 231 -7.39 -5.44 -5.98
C ASN A 231 -8.07 -6.54 -6.74
N VAL A 232 -8.12 -7.72 -6.13
CA VAL A 232 -8.80 -8.86 -6.71
C VAL A 232 -10.30 -8.49 -6.88
N ARG A 233 -10.92 -7.95 -5.82
CA ARG A 233 -12.32 -7.61 -5.88
C ARG A 233 -12.63 -6.52 -6.89
N ALA A 234 -11.79 -5.48 -6.92
CA ALA A 234 -12.11 -4.35 -7.77
C ALA A 234 -12.01 -4.75 -9.25
N PHE A 235 -11.05 -5.61 -9.60
CA PHE A 235 -10.94 -6.09 -10.98
C PHE A 235 -12.01 -7.11 -11.31
N TYR A 236 -12.43 -7.90 -10.32
CA TYR A 236 -13.49 -8.85 -10.51
C TYR A 236 -14.83 -8.22 -10.96
N THR A 237 -15.13 -7.04 -10.44
CA THR A 237 -16.36 -6.35 -10.81
C THR A 237 -16.17 -5.47 -12.05
N ARG A 238 -14.97 -5.34 -12.59
CA ARG A 238 -14.72 -4.46 -13.77
C ARG A 238 -14.25 -5.22 -15.01
N LEU A 239 -13.66 -6.38 -14.83
CA LEU A 239 -13.10 -7.08 -15.97
C LEU A 239 -14.21 -7.88 -16.63
N LYS A 240 -14.17 -7.90 -17.96
CA LYS A 240 -14.99 -8.79 -18.78
C LYS A 240 -14.75 -10.25 -18.35
N PRO A 241 -15.79 -11.07 -18.32
CA PRO A 241 -15.65 -12.43 -17.79
C PRO A 241 -14.64 -13.35 -18.50
N GLU A 242 -14.25 -13.01 -19.73
CA GLU A 242 -13.21 -13.74 -20.45
C GLU A 242 -11.85 -13.62 -19.72
N ILE A 243 -11.63 -12.54 -18.96
CA ILE A 243 -10.39 -12.35 -18.21
C ILE A 243 -10.58 -12.79 -16.77
N GLN A 244 -10.04 -13.95 -16.41
CA GLN A 244 -10.14 -14.47 -15.05
C GLN A 244 -9.02 -13.84 -14.16
N ILE A 245 -9.01 -14.21 -12.88
CA ILE A 245 -8.16 -13.54 -11.89
C ILE A 245 -7.39 -14.56 -11.08
N ILE A 246 -6.11 -14.30 -10.91
CA ILE A 246 -5.30 -15.00 -9.97
C ILE A 246 -5.15 -14.02 -8.80
N GLY A 247 -5.43 -14.51 -7.61
CA GLY A 247 -5.29 -13.70 -6.43
C GLY A 247 -3.98 -14.04 -5.73
N THR A 248 -3.23 -13.00 -5.44
CA THR A 248 -1.96 -13.16 -4.76
C THR A 248 -1.84 -12.08 -3.68
N GLY A 249 -1.45 -12.45 -2.48
CA GLY A 249 -1.11 -11.47 -1.45
C GLY A 249 -1.74 -11.85 -0.13
N GLY A 250 -0.88 -12.18 0.84
CA GLY A 250 -1.25 -12.40 2.20
C GLY A 250 -1.86 -13.75 2.43
N ILE A 251 -1.67 -14.69 1.51
CA ILE A 251 -2.30 -15.99 1.71
C ILE A 251 -1.36 -16.89 2.56
N GLU A 252 -1.84 -17.30 3.73
CA GLU A 252 -1.13 -18.23 4.62
C GLU A 252 -2.10 -19.29 5.18
N THR A 253 -3.36 -18.95 5.37
CA THR A 253 -4.32 -19.91 5.90
C THR A 253 -5.44 -20.15 4.87
N GLY A 254 -6.20 -21.20 5.09
CA GLY A 254 -7.38 -21.48 4.28
C GLY A 254 -8.42 -20.37 4.35
N GLN A 255 -8.48 -19.69 5.49
CA GLN A 255 -9.35 -18.52 5.64
C GLN A 255 -8.89 -17.39 4.70
N ASP A 256 -7.59 -17.16 4.61
CA ASP A 256 -7.13 -16.15 3.62
C ASP A 256 -7.49 -16.53 2.17
N ALA A 257 -7.30 -17.80 1.87
CA ALA A 257 -7.65 -18.37 0.57
C ALA A 257 -9.12 -18.20 0.30
N PHE A 258 -9.91 -18.57 1.29
CA PHE A 258 -11.37 -18.42 1.22
C PHE A 258 -11.81 -16.99 0.90
N GLU A 259 -11.16 -16.03 1.53
CA GLU A 259 -11.45 -14.62 1.30
C GLU A 259 -11.12 -14.17 -0.13
N HIS A 260 -9.96 -14.59 -0.66
CA HIS A 260 -9.60 -14.29 -2.06
C HIS A 260 -10.62 -14.90 -3.05
N LEU A 261 -11.04 -16.12 -2.78
CA LEU A 261 -11.99 -16.80 -3.68
C LEU A 261 -13.36 -16.11 -3.61
N LEU A 262 -13.75 -15.67 -2.43
CA LEU A 262 -14.97 -14.91 -2.26
C LEU A 262 -14.96 -13.58 -3.04
N CYS A 263 -13.77 -12.96 -3.13
CA CYS A 263 -13.58 -11.77 -3.95
C CYS A 263 -13.70 -11.96 -5.46
N GLY A 264 -13.39 -13.16 -5.92
CA GLY A 264 -13.47 -13.50 -7.32
C GLY A 264 -12.22 -14.12 -7.93
N ALA A 265 -11.15 -14.34 -7.16
CA ALA A 265 -9.95 -15.05 -7.65
C ALA A 265 -10.33 -16.47 -8.04
N THR A 266 -9.76 -16.97 -9.12
CA THR A 266 -9.90 -18.39 -9.51
C THR A 266 -8.69 -19.22 -9.12
N MET A 267 -7.47 -18.77 -9.45
CA MET A 267 -6.27 -19.40 -8.89
C MET A 267 -5.73 -18.53 -7.75
N LEU A 268 -4.91 -19.09 -6.85
CA LEU A 268 -4.34 -18.40 -5.73
C LEU A 268 -2.84 -18.67 -5.65
N GLN A 269 -2.04 -17.63 -5.44
CA GLN A 269 -0.61 -17.81 -5.33
C GLN A 269 -0.13 -17.44 -3.94
N ILE A 270 0.88 -18.16 -3.50
CA ILE A 270 1.45 -18.00 -2.16
C ILE A 270 2.92 -17.68 -2.30
N GLY A 271 3.30 -16.47 -1.83
CA GLY A 271 4.65 -16.01 -1.85
C GLY A 271 5.34 -16.23 -0.49
N THR A 272 5.26 -15.22 0.36
CA THR A 272 5.93 -15.19 1.65
C THR A 272 5.73 -16.42 2.50
N ALA A 273 4.49 -16.85 2.64
CA ALA A 273 4.22 -18.01 3.50
C ALA A 273 4.91 -19.29 2.94
N LEU A 274 5.04 -19.40 1.62
CA LEU A 274 5.70 -20.55 1.00
C LEU A 274 7.22 -20.45 1.21
N HIS A 275 7.74 -19.23 1.10
CA HIS A 275 9.13 -18.98 1.44
C HIS A 275 9.48 -19.43 2.85
N LYS A 276 8.61 -19.17 3.81
CA LYS A 276 8.89 -19.50 5.22
C LYS A 276 8.72 -20.98 5.49
N GLU A 277 7.68 -21.58 4.92
CA GLU A 277 7.22 -22.92 5.32
C GLU A 277 7.67 -24.06 4.35
N GLY A 278 7.98 -23.70 3.12
CA GLY A 278 8.31 -24.69 2.10
C GLY A 278 7.06 -25.36 1.54
N PRO A 279 7.23 -26.25 0.58
CA PRO A 279 6.08 -26.76 -0.19
C PRO A 279 5.07 -27.59 0.57
N ALA A 280 5.38 -28.01 1.79
CA ALA A 280 4.36 -28.65 2.63
C ALA A 280 3.17 -27.71 2.91
N ILE A 281 3.35 -26.41 2.70
CA ILE A 281 2.24 -25.46 2.90
C ILE A 281 1.02 -25.89 2.10
N PHE A 282 1.23 -26.42 0.91
CA PHE A 282 0.10 -26.68 0.05
C PHE A 282 -0.84 -27.71 0.68
N ASP A 283 -0.28 -28.78 1.21
CA ASP A 283 -1.11 -29.79 1.88
C ASP A 283 -1.87 -29.16 3.07
N ARG A 284 -1.20 -28.36 3.87
CA ARG A 284 -1.84 -27.74 5.03
C ARG A 284 -3.00 -26.83 4.58
N ILE A 285 -2.76 -25.98 3.60
CA ILE A 285 -3.74 -24.95 3.29
C ILE A 285 -4.95 -25.51 2.53
N ILE A 286 -4.70 -26.54 1.73
CA ILE A 286 -5.78 -27.30 1.10
C ILE A 286 -6.70 -27.84 2.17
N LYS A 287 -6.13 -28.47 3.19
CA LYS A 287 -6.92 -29.06 4.26
C LYS A 287 -7.67 -28.02 5.11
N GLU A 288 -7.06 -26.86 5.32
CA GLU A 288 -7.75 -25.77 6.01
C GLU A 288 -8.93 -25.28 5.17
N LEU A 289 -8.73 -25.08 3.87
CA LEU A 289 -9.82 -24.59 3.02
C LEU A 289 -10.95 -25.62 2.96
N GLU A 290 -10.60 -26.89 2.85
CA GLU A 290 -11.61 -27.92 2.79
C GLU A 290 -12.44 -27.98 4.07
N GLU A 291 -11.80 -27.76 5.21
CA GLU A 291 -12.52 -27.79 6.49
C GLU A 291 -13.48 -26.60 6.57
N ILE A 292 -13.05 -25.46 6.08
CA ILE A 292 -13.94 -24.29 6.07
C ILE A 292 -15.16 -24.60 5.18
N MET A 293 -14.90 -25.22 4.05
CA MET A 293 -15.96 -25.60 3.12
C MET A 293 -16.91 -26.63 3.77
N ASN A 294 -16.35 -27.60 4.47
CA ASN A 294 -17.14 -28.64 5.13
C ASN A 294 -18.03 -28.07 6.19
N GLN A 295 -17.53 -27.12 7.00
CA GLN A 295 -18.34 -26.48 8.07
C GLN A 295 -19.51 -25.69 7.50
N LYS A 296 -19.31 -25.13 6.33
CA LYS A 296 -20.33 -24.36 5.63
C LYS A 296 -21.22 -25.21 4.72
N GLY A 297 -20.92 -26.50 4.59
CA GLY A 297 -21.66 -27.40 3.71
C GLY A 297 -21.42 -27.13 2.24
N TYR A 298 -20.24 -26.62 1.89
CA TYR A 298 -19.88 -26.36 0.48
C TYR A 298 -19.06 -27.53 -0.02
N GLN A 299 -19.41 -28.02 -1.21
CA GLN A 299 -18.72 -29.14 -1.86
C GLN A 299 -17.89 -28.71 -3.09
N SER A 300 -18.05 -27.48 -3.53
CA SER A 300 -17.25 -26.96 -4.61
C SER A 300 -16.98 -25.42 -4.48
N ILE A 301 -15.88 -24.95 -5.03
CA ILE A 301 -15.54 -23.53 -5.01
C ILE A 301 -16.66 -22.66 -5.62
N ALA A 302 -17.40 -23.20 -6.60
CA ALA A 302 -18.48 -22.46 -7.23
C ALA A 302 -19.60 -22.06 -6.23
N ASP A 303 -19.73 -22.76 -5.12
CA ASP A 303 -20.69 -22.43 -4.09
C ASP A 303 -20.49 -21.05 -3.47
N PHE A 304 -19.26 -20.54 -3.48
CA PHE A 304 -19.00 -19.21 -2.94
C PHE A 304 -18.10 -18.33 -3.77
N HIS A 305 -17.63 -18.81 -4.93
CA HIS A 305 -16.70 -18.04 -5.75
C HIS A 305 -17.32 -16.72 -6.13
N GLY A 306 -16.64 -15.61 -5.82
CA GLY A 306 -17.11 -14.28 -6.17
C GLY A 306 -18.32 -13.72 -5.44
N LYS A 307 -18.79 -14.44 -4.42
CA LYS A 307 -20.01 -14.14 -3.70
C LYS A 307 -19.86 -13.25 -2.44
N LEU A 308 -18.76 -12.51 -2.36
CA LEU A 308 -18.58 -11.54 -1.26
C LEU A 308 -19.80 -10.60 -1.14
N LYS A 309 -20.39 -10.53 0.04
CA LYS A 309 -21.57 -9.69 0.25
C LYS A 309 -21.15 -8.29 0.68
N SER A 310 -21.72 -7.28 0.03
CA SER A 310 -21.71 -5.93 0.59
C SER A 310 -22.79 -5.82 1.67
N LEU A 311 -22.68 -4.77 2.49
CA LEU A 311 -23.67 -4.39 3.48
C LEU A 311 -24.73 -3.49 2.87
N MET B 1 13.48 16.13 27.19
CA MET B 1 14.17 15.27 26.18
C MET B 1 13.55 15.41 24.78
N LEU B 2 12.25 15.62 24.71
CA LEU B 2 11.52 15.52 23.45
C LEU B 2 11.21 16.86 22.84
N ASN B 3 11.65 17.92 23.51
CA ASN B 3 11.56 19.27 23.00
C ASN B 3 11.89 19.38 21.52
N THR B 4 11.00 19.98 20.75
CA THR B 4 11.05 19.95 19.32
C THR B 4 10.74 21.33 18.79
N THR B 5 11.42 21.71 17.72
CA THR B 5 11.20 22.92 16.98
C THR B 5 10.67 22.60 15.55
N PHE B 6 9.51 23.13 15.21
CA PHE B 6 8.86 22.81 13.95
C PHE B 6 8.11 24.04 13.51
N ALA B 7 8.25 24.38 12.24
CA ALA B 7 7.62 25.56 11.64
C ALA B 7 7.95 26.81 12.44
N ASN B 8 9.19 26.88 12.94
CA ASN B 8 9.68 27.99 13.74
C ASN B 8 8.97 28.16 15.09
N ALA B 9 8.24 27.12 15.53
CA ALA B 9 7.57 27.11 16.83
C ALA B 9 8.15 26.06 17.77
N LYS B 10 7.96 26.25 19.06
CA LYS B 10 8.46 25.30 20.03
C LYS B 10 7.29 24.44 20.50
N PHE B 11 7.52 23.12 20.53
CA PHE B 11 6.60 22.15 21.12
C PHE B 11 7.30 21.34 22.19
N ALA B 12 6.58 20.92 23.22
CA ALA B 12 7.17 20.13 24.30
C ALA B 12 7.63 18.71 23.86
N ASN B 13 7.00 18.23 22.78
CA ASN B 13 7.23 16.89 22.29
C ASN B 13 6.60 16.77 20.89
N PRO B 14 7.06 15.82 20.08
CA PRO B 14 6.61 15.78 18.68
C PRO B 14 5.23 15.19 18.49
N PHE B 15 4.63 14.54 19.49
CA PHE B 15 3.36 13.83 19.31
C PHE B 15 2.10 14.66 19.09
N MET B 16 1.29 14.21 18.15
CA MET B 16 0.00 14.81 17.87
C MET B 16 -1.01 13.72 17.60
N ASN B 17 -2.30 14.07 17.63
CA ASN B 17 -3.29 13.26 16.91
C ASN B 17 -3.11 13.39 15.42
N ALA B 18 -3.54 12.37 14.69
CA ALA B 18 -3.71 12.52 13.25
C ALA B 18 -5.10 13.12 13.01
N SER B 19 -5.22 13.94 12.00
CA SER B 19 -6.50 14.49 11.65
C SER B 19 -7.48 13.37 11.40
N GLY B 20 -8.70 13.61 11.85
CA GLY B 20 -9.80 12.69 11.76
C GLY B 20 -10.00 11.91 13.03
N VAL B 21 -8.99 11.83 13.88
CA VAL B 21 -9.12 11.01 15.11
C VAL B 21 -9.12 11.94 16.33
N HIS B 22 -10.15 11.79 17.15
CA HIS B 22 -10.33 12.51 18.36
C HIS B 22 -10.29 14.04 18.24
N CYS B 23 -10.88 14.58 17.18
CA CYS B 23 -10.79 16.03 16.89
C CYS B 23 -12.00 16.59 16.14
N MET B 24 -13.15 15.95 16.30
CA MET B 24 -14.36 16.30 15.54
C MET B 24 -15.05 17.54 16.19
N THR B 25 -15.20 17.47 17.51
CA THR B 25 -15.85 18.54 18.29
C THR B 25 -14.87 19.31 19.15
N ILE B 26 -15.37 20.42 19.68
CA ILE B 26 -14.64 21.23 20.64
C ILE B 26 -14.28 20.42 21.83
N GLU B 27 -15.22 19.61 22.30
CA GLU B 27 -14.91 18.76 23.42
C GLU B 27 -13.73 17.81 23.12
N ASP B 28 -13.74 17.21 21.94
CA ASP B 28 -12.61 16.35 21.54
C ASP B 28 -11.32 17.18 21.63
N LEU B 29 -11.36 18.35 21.02
CA LEU B 29 -10.16 19.15 20.89
C LEU B 29 -9.63 19.54 22.26
N GLU B 30 -10.51 19.79 23.20
CA GLU B 30 -10.09 20.26 24.52
C GLU B 30 -9.50 19.09 25.28
N GLU B 31 -9.93 17.90 24.96
CA GLU B 31 -9.37 16.70 25.56
C GLU B 31 -7.93 16.49 25.08
N LEU B 32 -7.67 16.90 23.84
CA LEU B 32 -6.33 16.77 23.30
C LEU B 32 -5.45 17.86 23.89
N LYS B 33 -6.00 19.06 24.07
CA LYS B 33 -5.29 20.16 24.78
C LYS B 33 -4.86 19.73 26.16
N ALA B 34 -5.76 19.00 26.85
CA ALA B 34 -5.51 18.55 28.21
C ALA B 34 -4.49 17.39 28.32
N SER B 35 -4.35 16.62 27.25
CA SER B 35 -3.46 15.46 27.25
C SER B 35 -2.00 15.93 27.16
N GLN B 36 -1.08 14.97 27.18
CA GLN B 36 0.36 15.25 26.95
C GLN B 36 0.78 15.45 25.49
N ALA B 37 -0.14 15.34 24.54
CA ALA B 37 0.19 15.61 23.15
C ALA B 37 0.90 16.94 23.06
N GLY B 38 2.03 16.94 22.38
CA GLY B 38 2.78 18.14 22.08
C GLY B 38 1.99 19.14 21.26
N ALA B 39 1.15 18.65 20.35
CA ALA B 39 0.28 19.53 19.58
C ALA B 39 -0.94 18.76 19.07
N TYR B 40 -1.89 19.48 18.46
CA TYR B 40 -3.09 18.85 17.94
C TYR B 40 -3.64 19.56 16.73
N ILE B 41 -4.37 18.79 15.91
CA ILE B 41 -4.90 19.23 14.65
C ILE B 41 -6.40 18.95 14.63
N THR B 42 -7.13 19.79 13.94
CA THR B 42 -8.58 19.62 13.80
C THR B 42 -8.90 18.55 12.76
N LYS B 43 -10.11 17.99 12.89
CA LYS B 43 -10.73 17.21 11.82
C LYS B 43 -10.71 18.01 10.48
N SER B 44 -10.28 17.39 9.40
CA SER B 44 -10.40 18.00 8.07
C SER B 44 -11.79 18.61 7.84
N SER B 45 -11.84 19.88 7.44
CA SER B 45 -13.15 20.50 7.25
C SER B 45 -13.46 20.81 5.83
N THR B 46 -14.75 20.93 5.59
CA THR B 46 -15.30 21.38 4.32
C THR B 46 -16.12 22.64 4.64
N LEU B 47 -16.49 23.37 3.59
CA LEU B 47 -17.23 24.63 3.74
C LEU B 47 -18.56 24.39 4.44
N GLU B 48 -19.26 23.31 4.10
CA GLU B 48 -20.50 22.92 4.78
C GLU B 48 -20.31 21.79 5.76
N LYS B 49 -21.03 21.83 6.86
CA LYS B 49 -21.23 20.69 7.74
C LYS B 49 -21.56 19.42 6.92
N ARG B 50 -20.98 18.28 7.30
CA ARG B 50 -21.22 17.01 6.62
C ARG B 50 -21.52 15.92 7.66
N GLU B 51 -22.56 15.14 7.39
CA GLU B 51 -22.86 13.95 8.16
C GLU B 51 -21.85 12.80 7.91
N GLY B 52 -21.28 12.75 6.72
CA GLY B 52 -20.39 11.64 6.36
C GLY B 52 -21.17 10.46 5.79
N ASN B 53 -20.47 9.34 5.65
CA ASN B 53 -20.98 8.12 5.01
C ASN B 53 -21.89 7.39 5.98
N PRO B 54 -22.72 6.47 5.47
CA PRO B 54 -23.52 5.58 6.31
C PRO B 54 -22.70 4.62 7.21
N LEU B 55 -23.29 4.15 8.30
CA LEU B 55 -22.58 3.28 9.25
C LEU B 55 -22.92 1.84 8.92
N PRO B 56 -22.11 0.87 9.31
CA PRO B 56 -20.80 1.08 9.94
C PRO B 56 -19.74 1.60 8.96
N ARG B 57 -18.87 2.47 9.44
CA ARG B 57 -17.85 3.08 8.59
C ARG B 57 -16.42 3.12 9.18
N TYR B 58 -16.25 2.53 10.37
CA TYR B 58 -14.97 2.38 11.00
C TYR B 58 -15.00 1.05 11.72
N VAL B 59 -13.99 0.22 11.51
CA VAL B 59 -13.84 -1.05 12.23
C VAL B 59 -12.37 -1.23 12.71
N ASP B 60 -12.21 -1.54 14.00
CA ASP B 60 -10.94 -1.98 14.58
C ASP B 60 -10.56 -3.35 14.07
N LEU B 61 -9.31 -3.50 13.67
CA LEU B 61 -8.77 -4.75 13.18
C LEU B 61 -7.57 -5.13 14.05
N GLU B 62 -7.27 -6.40 14.09
CA GLU B 62 -6.09 -6.88 14.82
C GLU B 62 -4.83 -6.16 14.40
N LEU B 63 -4.68 -5.91 13.10
CA LEU B 63 -3.47 -5.28 12.57
C LEU B 63 -3.64 -3.79 12.19
N GLY B 64 -4.75 -3.20 12.59
CA GLY B 64 -4.96 -1.76 12.50
C GLY B 64 -6.45 -1.42 12.43
N SER B 65 -6.84 -0.81 11.31
CA SER B 65 -8.21 -0.32 11.14
C SER B 65 -8.57 -0.13 9.71
N ILE B 66 -9.87 -0.10 9.46
CA ILE B 66 -10.37 0.25 8.13
C ILE B 66 -11.49 1.24 8.36
N ASN B 67 -11.59 2.22 7.49
CA ASN B 67 -12.63 3.21 7.58
C ASN B 67 -12.99 3.79 6.22
N SER B 68 -14.26 4.15 6.07
CA SER B 68 -14.65 5.07 5.01
C SER B 68 -15.56 6.15 5.64
N MET B 69 -14.97 7.05 6.43
CA MET B 69 -15.78 8.01 7.22
C MET B 69 -16.61 8.94 6.31
N GLY B 70 -16.05 9.37 5.17
CA GLY B 70 -16.71 10.31 4.25
C GLY B 70 -16.66 11.78 4.69
N LEU B 71 -15.62 12.15 5.43
CA LEU B 71 -15.37 13.51 5.90
C LEU B 71 -16.53 14.12 6.70
N PRO B 72 -16.99 13.41 7.73
CA PRO B 72 -17.95 14.01 8.61
C PRO B 72 -17.19 15.12 9.36
N ASN B 73 -17.81 16.28 9.48
CA ASN B 73 -17.25 17.41 10.19
C ASN B 73 -18.31 18.48 10.37
N LEU B 74 -18.05 19.38 11.30
CA LEU B 74 -19.02 20.36 11.73
C LEU B 74 -18.93 21.66 10.93
N GLY B 75 -18.05 21.68 9.93
CA GLY B 75 -17.98 22.78 8.97
C GLY B 75 -16.85 23.71 9.29
N PHE B 76 -16.33 24.35 8.25
CA PHE B 76 -15.17 25.24 8.36
C PHE B 76 -15.35 26.31 9.44
N ASP B 77 -16.48 27.03 9.43
CA ASP B 77 -16.70 28.15 10.34
C ASP B 77 -16.66 27.73 11.80
N TYR B 78 -17.16 26.56 12.10
CA TYR B 78 -17.05 26.03 13.48
C TYR B 78 -15.59 25.87 13.90
N TYR B 79 -14.75 25.26 13.07
CA TYR B 79 -13.35 25.05 13.50
C TYR B 79 -12.60 26.40 13.56
N LEU B 80 -12.81 27.26 12.56
CA LEU B 80 -12.14 28.58 12.51
C LEU B 80 -12.52 29.42 13.72
N ASP B 81 -13.79 29.46 14.10
CA ASP B 81 -14.19 30.19 15.31
C ASP B 81 -13.56 29.57 16.57
N TYR B 82 -13.54 28.25 16.67
CA TYR B 82 -12.89 27.61 17.82
C TYR B 82 -11.42 27.97 17.95
N VAL B 83 -10.64 27.87 16.86
CA VAL B 83 -9.20 28.14 16.96
C VAL B 83 -8.88 29.63 17.20
N LEU B 84 -9.73 30.52 16.69
CA LEU B 84 -9.55 31.97 16.86
C LEU B 84 -9.71 32.39 18.32
N LYS B 85 -10.69 31.79 18.99
CA LYS B 85 -10.94 32.02 20.41
C LYS B 85 -9.83 31.42 21.22
N ASN B 86 -9.32 30.28 20.77
CA ASN B 86 -8.32 29.57 21.53
C ASN B 86 -6.93 30.21 21.56
N GLN B 87 -6.48 30.78 20.44
CA GLN B 87 -5.18 31.46 20.39
C GLN B 87 -5.13 32.73 21.26
N LYS B 88 -6.29 33.38 21.43
CA LYS B 88 -6.43 34.54 22.35
C LYS B 88 -6.12 34.18 23.84
N GLU B 89 -6.47 32.96 24.24
CA GLU B 89 -6.25 32.52 25.63
C GLU B 89 -4.76 32.31 26.00
N ASN B 90 -3.88 32.07 25.00
CA ASN B 90 -2.44 31.79 25.25
C ASN B 90 -2.27 30.68 26.31
N ALA B 91 -3.03 29.60 26.12
CA ALA B 91 -3.18 28.55 27.14
C ALA B 91 -2.46 27.25 26.76
N GLN B 92 -1.67 27.30 25.68
CA GLN B 92 -0.86 26.14 25.27
C GLN B 92 0.50 26.56 24.65
N GLU B 93 1.51 25.70 24.84
CA GLU B 93 2.82 25.82 24.19
C GLU B 93 2.72 25.30 22.73
N GLY B 94 2.81 26.23 21.78
CA GLY B 94 2.76 25.94 20.37
C GLY B 94 1.36 26.07 19.76
N PRO B 95 1.33 26.44 18.49
CA PRO B 95 0.08 26.66 17.77
C PRO B 95 -0.72 25.38 17.48
N ILE B 96 -2.02 25.58 17.33
CA ILE B 96 -2.92 24.57 16.79
C ILE B 96 -2.78 24.47 15.28
N PHE B 97 -3.05 23.28 14.79
CA PHE B 97 -3.07 22.97 13.37
C PHE B 97 -4.52 22.81 12.91
N PHE B 98 -4.76 23.22 11.67
CA PHE B 98 -6.08 23.34 11.14
C PHE B 98 -6.10 22.65 9.81
N SER B 99 -6.79 21.52 9.73
CA SER B 99 -6.90 20.76 8.49
C SER B 99 -8.09 21.17 7.65
N ILE B 100 -7.90 21.30 6.36
CA ILE B 100 -8.98 21.44 5.39
C ILE B 100 -8.93 20.37 4.31
N ALA B 101 -10.09 19.93 3.85
CA ALA B 101 -10.18 18.98 2.75
C ALA B 101 -11.37 19.28 1.85
N GLY B 102 -11.29 20.39 1.12
CA GLY B 102 -12.36 20.77 0.21
C GLY B 102 -12.73 19.64 -0.75
N MET B 103 -14.00 19.53 -1.10
CA MET B 103 -14.48 18.57 -2.11
C MET B 103 -14.08 19.00 -3.53
N SER B 104 -13.59 20.22 -3.68
CA SER B 104 -13.03 20.63 -4.96
C SER B 104 -11.90 21.60 -4.73
N ALA B 105 -11.16 21.89 -5.79
CA ALA B 105 -10.13 22.91 -5.75
C ALA B 105 -10.67 24.29 -5.35
N ALA B 106 -11.74 24.72 -6.01
CA ALA B 106 -12.38 25.99 -5.65
C ALA B 106 -12.74 26.06 -4.14
N GLU B 107 -13.22 24.97 -3.56
CA GLU B 107 -13.56 24.94 -2.12
C GLU B 107 -12.31 25.09 -1.25
N ASN B 108 -11.22 24.42 -1.61
CA ASN B 108 -9.94 24.60 -0.90
C ASN B 108 -9.43 26.02 -0.99
N ILE B 109 -9.50 26.62 -2.15
CA ILE B 109 -9.03 28.02 -2.34
C ILE B 109 -9.91 28.97 -1.48
N ALA B 110 -11.22 28.75 -1.45
CA ALA B 110 -12.14 29.59 -0.67
C ALA B 110 -11.82 29.51 0.81
N MET B 111 -11.59 28.29 1.32
CA MET B 111 -11.19 28.13 2.73
C MET B 111 -9.80 28.73 3.04
N LEU B 112 -8.83 28.50 2.18
CA LEU B 112 -7.52 29.08 2.39
C LEU B 112 -7.58 30.64 2.39
N LYS B 113 -8.47 31.22 1.58
CA LYS B 113 -8.66 32.68 1.56
C LYS B 113 -9.28 33.15 2.86
N LYS B 114 -10.24 32.42 3.42
CA LYS B 114 -10.82 32.78 4.70
C LYS B 114 -9.76 32.68 5.82
N ILE B 115 -8.92 31.63 5.79
CA ILE B 115 -7.82 31.54 6.76
C ILE B 115 -6.83 32.73 6.64
N GLN B 116 -6.39 33.03 5.42
CA GLN B 116 -5.49 34.12 5.15
C GLN B 116 -6.03 35.47 5.69
N GLU B 117 -7.31 35.72 5.46
CA GLU B 117 -7.98 36.97 5.81
C GLU B 117 -8.22 37.07 7.30
N SER B 118 -8.33 35.92 7.96
CA SER B 118 -8.56 35.90 9.39
C SER B 118 -7.28 36.24 10.18
N ASP B 119 -7.41 36.40 11.48
CA ASP B 119 -6.24 36.57 12.36
C ASP B 119 -5.59 35.21 12.75
N PHE B 120 -5.95 34.11 12.10
CA PHE B 120 -5.39 32.80 12.44
C PHE B 120 -3.86 32.86 12.35
N SER B 121 -3.21 32.57 13.47
CA SER B 121 -1.75 32.61 13.64
C SER B 121 -1.10 31.21 13.74
N GLY B 122 -1.89 30.14 13.60
CA GLY B 122 -1.39 28.78 13.64
C GLY B 122 -1.05 28.17 12.30
N ILE B 123 -1.10 26.85 12.25
CA ILE B 123 -0.63 26.14 11.07
C ILE B 123 -1.76 25.45 10.31
N THR B 124 -1.76 25.56 9.02
CA THR B 124 -2.78 24.94 8.18
C THR B 124 -2.28 23.68 7.50
N GLU B 125 -3.13 22.66 7.45
CA GLU B 125 -2.84 21.42 6.73
C GLU B 125 -3.86 21.21 5.62
N LEU B 126 -3.40 21.30 4.39
CA LEU B 126 -4.21 21.03 3.21
C LEU B 126 -4.17 19.54 2.87
N ASN B 127 -5.32 18.87 3.01
CA ASN B 127 -5.43 17.45 2.79
C ASN B 127 -5.66 17.15 1.32
N LEU B 128 -4.65 16.64 0.65
CA LEU B 128 -4.76 16.37 -0.78
C LEU B 128 -4.95 14.88 -1.05
N SER B 129 -5.56 14.18 -0.10
CA SER B 129 -5.44 12.73 -0.06
C SER B 129 -6.62 11.98 0.51
N CYS B 130 -7.80 12.59 0.63
CA CYS B 130 -8.93 11.86 1.23
C CYS B 130 -9.40 10.74 0.28
N PRO B 131 -9.31 9.46 0.72
CA PRO B 131 -9.58 8.33 -0.17
C PRO B 131 -10.99 7.76 -0.01
N ASN B 132 -11.82 8.41 0.80
CA ASN B 132 -13.14 7.87 1.17
C ASN B 132 -14.37 8.67 0.68
N VAL B 133 -14.13 9.75 -0.06
CA VAL B 133 -15.24 10.50 -0.71
C VAL B 133 -15.68 9.80 -2.03
N PRO B 134 -16.94 9.35 -2.13
CA PRO B 134 -17.45 8.71 -3.37
C PRO B 134 -17.43 9.66 -4.58
N GLY B 135 -16.80 9.23 -5.68
CA GLY B 135 -16.76 9.98 -6.93
C GLY B 135 -15.56 10.91 -7.06
N LYS B 136 -14.80 11.03 -5.96
CA LYS B 136 -13.71 12.02 -5.81
C LYS B 136 -12.31 11.34 -5.56
N PRO B 137 -11.46 11.22 -6.59
CA PRO B 137 -10.11 10.67 -6.42
C PRO B 137 -9.20 11.37 -5.36
N GLN B 138 -8.05 10.74 -5.10
CA GLN B 138 -6.98 11.35 -4.33
C GLN B 138 -6.22 12.28 -5.30
N LEU B 139 -6.32 13.59 -5.02
CA LEU B 139 -5.78 14.64 -5.89
C LEU B 139 -4.26 14.56 -6.03
N ALA B 140 -3.58 14.13 -4.96
CA ALA B 140 -2.13 14.10 -4.91
C ALA B 140 -1.56 12.92 -5.68
N TYR B 141 -2.43 12.06 -6.21
CA TYR B 141 -2.07 11.10 -7.26
C TYR B 141 -2.20 11.68 -8.68
N ASP B 142 -2.59 12.95 -8.77
CA ASP B 142 -2.77 13.66 -10.03
C ASP B 142 -1.79 14.84 -10.02
N PHE B 143 -0.59 14.59 -10.55
CA PHE B 143 0.55 15.48 -10.35
C PHE B 143 0.35 16.83 -11.02
N GLU B 144 -0.31 16.84 -12.18
CA GLU B 144 -0.65 18.10 -12.87
C GLU B 144 -1.68 18.88 -12.06
N ALA B 145 -2.73 18.23 -11.57
CA ALA B 145 -3.76 18.94 -10.80
C ALA B 145 -3.23 19.42 -9.44
N THR B 146 -2.27 18.69 -8.88
CA THR B 146 -1.66 19.07 -7.60
C THR B 146 -0.78 20.30 -7.77
N GLU B 147 0.03 20.33 -8.81
CA GLU B 147 0.87 21.48 -9.11
C GLU B 147 0.00 22.72 -9.38
N LYS B 148 -1.01 22.58 -10.23
CA LYS B 148 -1.89 23.71 -10.60
C LYS B 148 -2.62 24.28 -9.36
N LEU B 149 -3.12 23.42 -8.48
CA LEU B 149 -3.73 23.87 -7.23
C LEU B 149 -2.72 24.62 -6.35
N LEU B 150 -1.50 24.10 -6.19
CA LEU B 150 -0.55 24.70 -5.27
C LEU B 150 -0.03 26.04 -5.80
N LYS B 151 0.13 26.18 -7.11
CA LYS B 151 0.55 27.46 -7.70
C LYS B 151 -0.50 28.55 -7.39
N GLU B 152 -1.77 28.22 -7.53
CA GLU B 152 -2.83 29.17 -7.19
C GLU B 152 -2.78 29.56 -5.72
N VAL B 153 -2.64 28.55 -4.86
CA VAL B 153 -2.60 28.76 -3.43
C VAL B 153 -1.51 29.76 -3.03
N PHE B 154 -0.30 29.59 -3.59
CA PHE B 154 0.86 30.41 -3.19
C PHE B 154 0.95 31.80 -3.86
N THR B 155 0.00 32.13 -4.75
CA THR B 155 -0.17 33.54 -5.17
C THR B 155 -0.80 34.41 -4.06
N PHE B 156 -1.39 33.80 -3.03
CA PHE B 156 -2.01 34.60 -1.95
C PHE B 156 -1.74 34.11 -0.53
N PHE B 157 -1.51 32.81 -0.34
CA PHE B 157 -1.45 32.28 1.03
C PHE B 157 -0.03 32.43 1.57
N THR B 158 0.14 33.29 2.55
CA THR B 158 1.50 33.54 3.12
C THR B 158 1.66 32.93 4.50
N LYS B 159 0.62 32.28 5.02
CA LYS B 159 0.70 31.70 6.38
C LYS B 159 1.24 30.26 6.31
N PRO B 160 1.65 29.70 7.44
CA PRO B 160 2.29 28.37 7.40
C PRO B 160 1.34 27.28 6.85
N LEU B 161 1.82 26.54 5.87
CA LEU B 161 1.00 25.57 5.15
C LEU B 161 1.76 24.26 4.97
N GLY B 162 1.13 23.13 5.35
CA GLY B 162 1.59 21.81 4.99
C GLY B 162 0.57 21.08 4.15
N VAL B 163 0.96 19.95 3.56
CA VAL B 163 0.06 19.16 2.74
C VAL B 163 0.14 17.75 3.28
N LYS B 164 -1.02 17.16 3.49
CA LYS B 164 -1.19 15.76 3.87
C LYS B 164 -1.29 14.93 2.59
N LEU B 165 -0.36 13.99 2.45
CA LEU B 165 -0.20 13.23 1.22
C LEU B 165 -0.57 11.80 1.44
N PRO B 166 -1.08 11.17 0.39
CA PRO B 166 -1.31 9.76 0.39
C PRO B 166 0.05 9.08 0.16
N PRO B 167 0.11 7.78 0.38
CA PRO B 167 1.38 7.09 0.18
C PRO B 167 1.67 6.87 -1.29
N TYR B 168 2.96 6.99 -1.63
CA TYR B 168 3.49 6.63 -2.94
C TYR B 168 4.32 5.35 -2.77
N PHE B 169 4.43 4.62 -3.88
CA PHE B 169 4.95 3.25 -3.90
C PHE B 169 6.01 3.00 -5.01
N ASP B 170 6.43 4.10 -5.64
CA ASP B 170 7.32 4.08 -6.78
C ASP B 170 8.28 5.27 -6.64
N LEU B 171 9.58 5.01 -6.72
CA LEU B 171 10.62 6.01 -6.52
C LEU B 171 10.50 7.18 -7.47
N VAL B 172 10.05 6.94 -8.69
CA VAL B 172 9.84 8.03 -9.64
C VAL B 172 8.68 8.94 -9.23
N HIS B 173 7.68 8.38 -8.58
CA HIS B 173 6.62 9.23 -8.01
C HIS B 173 7.16 10.15 -6.92
N PHE B 174 8.06 9.66 -6.08
CA PHE B 174 8.69 10.53 -5.09
C PHE B 174 9.45 11.71 -5.73
N ASP B 175 10.20 11.43 -6.79
CA ASP B 175 10.99 12.46 -7.50
C ASP B 175 10.09 13.52 -8.14
N ILE B 176 9.03 13.08 -8.82
CA ILE B 176 8.07 13.98 -9.43
C ILE B 176 7.40 14.88 -8.38
N MET B 177 6.97 14.29 -7.25
CA MET B 177 6.30 15.05 -6.22
C MET B 177 7.26 16.02 -5.55
N ALA B 178 8.49 15.56 -5.26
CA ALA B 178 9.50 16.43 -4.66
C ALA B 178 9.86 17.62 -5.57
N GLU B 179 9.93 17.44 -6.89
CA GLU B 179 10.20 18.60 -7.76
C GLU B 179 9.01 19.56 -7.78
N ILE B 180 7.80 19.03 -7.74
CA ILE B 180 6.63 19.90 -7.60
C ILE B 180 6.69 20.69 -6.32
N LEU B 181 6.84 20.00 -5.19
CA LEU B 181 6.74 20.61 -3.87
C LEU B 181 7.89 21.58 -3.53
N ASN B 182 9.09 21.29 -4.02
CA ASN B 182 10.27 22.08 -3.73
C ASN B 182 10.23 23.48 -4.35
N GLN B 183 9.41 23.69 -5.36
CA GLN B 183 9.23 25.04 -5.94
C GLN B 183 8.37 26.03 -5.08
N PHE B 184 7.81 25.56 -3.96
CA PHE B 184 6.93 26.38 -3.12
C PHE B 184 7.49 26.61 -1.70
N PRO B 185 7.11 27.73 -1.07
CA PRO B 185 7.46 27.96 0.34
C PRO B 185 6.52 27.20 1.31
N LEU B 186 6.48 25.89 1.12
CA LEU B 186 5.73 24.99 2.00
C LEU B 186 6.40 24.86 3.35
N THR B 187 5.59 24.84 4.40
CA THR B 187 6.13 24.58 5.71
C THR B 187 6.44 23.11 5.94
N TYR B 188 5.63 22.21 5.41
CA TYR B 188 5.80 20.81 5.64
C TYR B 188 5.00 19.87 4.71
N VAL B 189 5.41 18.60 4.75
CA VAL B 189 4.71 17.48 4.15
C VAL B 189 4.39 16.50 5.29
N ASN B 190 3.17 15.98 5.27
CA ASN B 190 2.71 14.99 6.24
C ASN B 190 2.43 13.70 5.50
N SER B 191 3.33 12.71 5.69
CA SER B 191 3.22 11.41 5.09
C SER B 191 3.05 10.44 6.24
N VAL B 192 2.03 9.55 6.24
CA VAL B 192 1.05 9.40 5.14
C VAL B 192 -0.40 9.39 5.66
N ASN B 193 -1.32 9.64 4.73
CA ASN B 193 -2.73 9.28 4.87
C ASN B 193 -2.87 7.78 4.73
N SER B 194 -4.09 7.32 4.95
CA SER B 194 -4.42 5.91 4.88
C SER B 194 -3.97 5.25 3.61
N ILE B 195 -3.60 3.99 3.72
CA ILE B 195 -3.50 3.21 2.50
C ILE B 195 -4.89 3.12 1.86
N GLY B 196 -5.05 3.65 0.65
CA GLY B 196 -6.38 3.77 0.08
C GLY B 196 -6.99 2.49 -0.40
N ASN B 197 -8.30 2.35 -0.17
CA ASN B 197 -9.15 1.38 -0.86
C ASN B 197 -8.72 -0.10 -0.75
N GLY B 198 -8.43 -0.46 0.50
CA GLY B 198 -8.29 -1.84 0.94
C GLY B 198 -9.60 -2.43 1.35
N LEU B 199 -9.59 -3.72 1.57
CA LEU B 199 -10.78 -4.44 1.86
C LEU B 199 -10.52 -5.34 3.07
N PHE B 200 -11.49 -5.43 3.95
CA PHE B 200 -11.47 -6.43 5.04
C PHE B 200 -12.74 -7.19 4.98
N ILE B 201 -12.63 -8.51 5.21
CA ILE B 201 -13.73 -9.43 5.09
C ILE B 201 -13.90 -10.25 6.35
N ASP B 202 -15.15 -10.38 6.77
CA ASP B 202 -15.55 -11.32 7.79
C ASP B 202 -15.83 -12.64 7.06
N PRO B 203 -15.03 -13.64 7.29
CA PRO B 203 -15.14 -14.88 6.53
C PRO B 203 -16.37 -15.70 6.93
N GLU B 204 -16.80 -15.62 8.19
CA GLU B 204 -18.01 -16.34 8.61
C GLU B 204 -19.30 -15.79 7.92
N ALA B 205 -19.53 -14.47 7.98
CA ALA B 205 -20.67 -13.86 7.29
C ALA B 205 -20.45 -13.71 5.78
N GLU B 206 -19.25 -14.01 5.31
CA GLU B 206 -18.87 -13.87 3.91
C GLU B 206 -19.17 -12.47 3.42
N SER B 207 -18.81 -11.49 4.24
CA SER B 207 -19.25 -10.12 4.02
C SER B 207 -18.15 -9.12 4.34
N VAL B 208 -18.20 -7.97 3.67
CA VAL B 208 -17.39 -6.82 4.06
C VAL B 208 -17.91 -6.31 5.41
N VAL B 209 -17.12 -5.43 6.03
CA VAL B 209 -17.40 -4.93 7.36
C VAL B 209 -17.71 -3.44 7.43
N ILE B 210 -17.59 -2.71 6.31
CA ILE B 210 -18.08 -1.34 6.27
C ILE B 210 -19.13 -1.17 5.14
N LYS B 211 -20.10 -0.28 5.36
CA LYS B 211 -21.22 -0.11 4.46
C LYS B 211 -20.89 0.70 3.19
N PRO B 212 -20.17 1.81 3.30
CA PRO B 212 -19.90 2.61 2.09
C PRO B 212 -18.99 1.88 1.13
N LYS B 213 -19.14 2.21 -0.16
CA LYS B 213 -18.23 1.79 -1.20
C LYS B 213 -17.97 0.27 -1.26
N ASP B 214 -19.03 -0.51 -1.07
CA ASP B 214 -18.92 -1.96 -1.08
C ASP B 214 -17.77 -2.51 -0.17
N GLY B 215 -17.46 -1.78 0.89
CA GLY B 215 -16.56 -2.26 1.95
C GLY B 215 -15.12 -1.83 1.82
N PHE B 216 -14.82 -1.06 0.76
CA PHE B 216 -13.52 -0.54 0.47
C PHE B 216 -13.26 0.69 1.34
N GLY B 217 -12.12 0.71 2.02
CA GLY B 217 -11.78 1.73 3.00
C GLY B 217 -10.27 1.97 3.16
N GLY B 218 -9.95 3.13 3.71
CA GLY B 218 -8.59 3.50 4.06
C GLY B 218 -8.06 2.59 5.15
N ILE B 219 -6.86 2.05 4.91
CA ILE B 219 -6.22 1.17 5.90
C ILE B 219 -5.23 1.98 6.75
N GLY B 220 -5.30 1.78 8.05
CA GLY B 220 -4.33 2.34 8.98
C GLY B 220 -3.79 1.30 9.94
N GLY B 221 -2.80 1.71 10.72
CA GLY B 221 -2.25 0.84 11.78
C GLY B 221 -1.02 0.09 11.33
N ALA B 222 -0.77 -1.05 11.97
CA ALA B 222 0.49 -1.84 11.74
C ALA B 222 0.69 -2.28 10.29
N TYR B 223 -0.43 -2.49 9.60
CA TYR B 223 -0.43 -2.80 8.19
C TYR B 223 0.40 -1.84 7.40
N ILE B 224 0.37 -0.56 7.77
CA ILE B 224 0.94 0.48 6.88
C ILE B 224 2.26 1.09 7.29
N LYS B 225 2.82 0.66 8.41
CA LYS B 225 4.08 1.30 8.88
C LYS B 225 5.20 1.18 7.88
N PRO B 226 5.43 0.02 7.24
CA PRO B 226 6.51 -0.03 6.25
C PRO B 226 6.35 1.00 5.15
N THR B 227 5.13 1.23 4.66
CA THR B 227 4.85 2.25 3.63
C THR B 227 5.06 3.67 4.18
N ALA B 228 4.65 3.87 5.40
CA ALA B 228 4.64 5.18 6.03
C ALA B 228 6.06 5.59 6.33
N LEU B 229 6.85 4.70 6.89
CA LEU B 229 8.28 4.96 7.05
C LEU B 229 8.98 5.24 5.73
N ALA B 230 8.66 4.48 4.69
CA ALA B 230 9.30 4.65 3.42
C ALA B 230 9.02 6.00 2.82
N ASN B 231 7.80 6.48 2.99
CA ASN B 231 7.39 7.73 2.43
C ASN B 231 8.03 8.88 3.19
N VAL B 232 8.11 8.75 4.50
CA VAL B 232 8.79 9.75 5.35
C VAL B 232 10.28 9.82 4.94
N ARG B 233 10.95 8.67 4.86
CA ARG B 233 12.32 8.62 4.48
C ARG B 233 12.54 9.13 3.06
N ALA B 234 11.70 8.71 2.10
CA ALA B 234 11.96 9.11 0.69
C ALA B 234 11.82 10.60 0.46
N PHE B 235 10.84 11.23 1.11
CA PHE B 235 10.72 12.68 1.08
C PHE B 235 11.85 13.37 1.88
N TYR B 236 12.28 12.80 3.01
CA TYR B 236 13.41 13.39 3.76
C TYR B 236 14.67 13.58 2.90
N THR B 237 14.97 12.62 2.04
CA THR B 237 16.18 12.73 1.24
C THR B 237 15.96 13.49 -0.04
N ARG B 238 14.73 13.89 -0.35
CA ARG B 238 14.44 14.64 -1.59
C ARG B 238 13.94 16.07 -1.39
N LEU B 239 13.35 16.38 -0.24
CA LEU B 239 12.83 17.73 -0.05
C LEU B 239 13.92 18.68 0.39
N LYS B 240 13.87 19.91 -0.12
CA LYS B 240 14.72 20.98 0.35
C LYS B 240 14.48 21.14 1.87
N PRO B 241 15.56 21.37 2.65
CA PRO B 241 15.43 21.40 4.12
C PRO B 241 14.43 22.43 4.73
N GLU B 242 13.98 23.43 3.97
CA GLU B 242 12.97 24.40 4.44
C GLU B 242 11.60 23.70 4.62
N ILE B 243 11.36 22.60 3.89
CA ILE B 243 10.14 21.82 4.07
C ILE B 243 10.37 20.65 5.04
N GLN B 244 9.84 20.73 6.25
CA GLN B 244 9.97 19.64 7.23
C GLN B 244 8.88 18.59 7.05
N ILE B 245 8.92 17.54 7.88
CA ILE B 245 8.09 16.39 7.68
C ILE B 245 7.38 16.01 8.95
N ILE B 246 6.09 15.70 8.80
CA ILE B 246 5.34 15.07 9.82
C ILE B 246 5.18 13.62 9.39
N GLY B 247 5.43 12.70 10.31
CA GLY B 247 5.32 11.29 10.08
C GLY B 247 4.06 10.75 10.68
N THR B 248 3.29 10.07 9.85
CA THR B 248 2.05 9.50 10.27
C THR B 248 1.91 8.09 9.67
N GLY B 249 1.57 7.12 10.50
CA GLY B 249 1.28 5.82 10.00
C GLY B 249 1.91 4.75 10.86
N GLY B 250 1.07 3.97 11.51
CA GLY B 250 1.49 2.83 12.24
C GLY B 250 2.18 3.16 13.55
N ILE B 251 1.98 4.35 14.11
CA ILE B 251 2.64 4.67 15.36
C ILE B 251 1.74 4.25 16.50
N GLU B 252 2.25 3.33 17.30
CA GLU B 252 1.61 2.82 18.46
C GLU B 252 2.60 2.80 19.67
N THR B 253 3.87 2.47 19.43
CA THR B 253 4.83 2.34 20.54
C THR B 253 5.93 3.39 20.38
N GLY B 254 6.74 3.56 21.43
CA GLY B 254 7.93 4.41 21.33
C GLY B 254 8.89 3.99 20.25
N GLN B 255 9.00 2.69 20.07
CA GLN B 255 9.85 2.16 19.02
C GLN B 255 9.34 2.61 17.62
N ASP B 256 8.03 2.61 17.41
CA ASP B 256 7.51 3.11 16.12
C ASP B 256 7.82 4.55 15.92
N ALA B 257 7.65 5.34 16.98
CA ALA B 257 8.00 6.77 16.95
C ALA B 257 9.48 6.97 16.65
N PHE B 258 10.31 6.22 17.33
CA PHE B 258 11.76 6.29 17.12
C PHE B 258 12.12 6.02 15.65
N GLU B 259 11.46 5.02 15.07
CA GLU B 259 11.70 4.69 13.69
C GLU B 259 11.34 5.85 12.76
N HIS B 260 10.19 6.50 12.98
CA HIS B 260 9.83 7.69 12.16
C HIS B 260 10.81 8.83 12.30
N LEU B 261 11.24 9.11 13.52
CA LEU B 261 12.19 10.20 13.75
C LEU B 261 13.53 9.85 13.08
N LEU B 262 13.96 8.61 13.20
CA LEU B 262 15.18 8.17 12.53
C LEU B 262 15.09 8.39 11.01
N CYS B 263 13.88 8.22 10.43
CA CYS B 263 13.73 8.45 9.00
C CYS B 263 13.80 9.90 8.61
N GLY B 264 13.51 10.80 9.55
CA GLY B 264 13.49 12.23 9.29
C GLY B 264 12.20 13.00 9.65
N ALA B 265 11.17 12.36 10.19
CA ALA B 265 9.97 13.09 10.67
C ALA B 265 10.37 13.97 11.85
N THR B 266 9.77 15.15 11.96
CA THR B 266 9.98 16.10 13.07
C THR B 266 8.78 16.03 14.03
N MET B 267 7.54 16.10 13.51
CA MET B 267 6.35 15.82 14.30
C MET B 267 5.84 14.44 13.91
N LEU B 268 5.09 13.82 14.82
CA LEU B 268 4.55 12.50 14.69
C LEU B 268 3.04 12.52 14.96
N GLN B 269 2.24 11.88 14.10
CA GLN B 269 0.80 11.85 14.31
C GLN B 269 0.33 10.43 14.48
N ILE B 270 -0.62 10.27 15.40
CA ILE B 270 -1.15 8.98 15.80
C ILE B 270 -2.61 8.94 15.47
N GLY B 271 -3.00 7.99 14.62
CA GLY B 271 -4.39 7.86 14.23
C GLY B 271 -5.02 6.68 14.91
N THR B 272 -4.96 5.52 14.26
CA THR B 272 -5.58 4.30 14.71
C THR B 272 -5.35 3.98 16.16
N ALA B 273 -4.09 4.04 16.61
CA ALA B 273 -3.81 3.70 18.05
C ALA B 273 -4.48 4.68 19.05
N LEU B 274 -4.62 5.94 18.66
CA LEU B 274 -5.31 6.93 19.50
C LEU B 274 -6.81 6.65 19.49
N HIS B 275 -7.35 6.28 18.33
CA HIS B 275 -8.77 5.89 18.25
C HIS B 275 -9.06 4.76 19.25
N LYS B 276 -8.17 3.77 19.35
CA LYS B 276 -8.42 2.62 20.23
C LYS B 276 -8.22 2.93 21.71
N GLU B 277 -7.23 3.77 22.02
CA GLU B 277 -6.72 3.87 23.40
C GLU B 277 -7.17 5.17 24.09
N GLY B 278 -7.46 6.19 23.29
CA GLY B 278 -7.80 7.49 23.82
C GLY B 278 -6.57 8.30 24.11
N PRO B 279 -6.74 9.55 24.54
CA PRO B 279 -5.61 10.46 24.71
C PRO B 279 -4.57 10.06 25.78
N ALA B 280 -4.86 9.10 26.66
CA ALA B 280 -3.83 8.58 27.56
C ALA B 280 -2.65 7.99 26.77
N ILE B 281 -2.84 7.73 25.46
CA ILE B 281 -1.76 7.18 24.66
C ILE B 281 -0.54 8.07 24.73
N PHE B 282 -0.75 9.38 24.78
CA PHE B 282 0.38 10.29 24.65
C PHE B 282 1.34 10.11 25.84
N ASP B 283 0.81 10.02 27.03
CA ASP B 283 1.66 9.80 28.22
C ASP B 283 2.47 8.52 28.04
N ARG B 284 1.82 7.45 27.60
CA ARG B 284 2.46 6.14 27.51
C ARG B 284 3.60 6.21 26.49
N ILE B 285 3.31 6.78 25.33
CA ILE B 285 4.26 6.69 24.23
C ILE B 285 5.42 7.60 24.44
N ILE B 286 5.17 8.76 25.05
CA ILE B 286 6.25 9.67 25.46
C ILE B 286 7.22 8.96 26.38
N LYS B 287 6.70 8.22 27.34
CA LYS B 287 7.56 7.49 28.25
C LYS B 287 8.31 6.33 27.59
N GLU B 288 7.66 5.67 26.61
CA GLU B 288 8.34 4.62 25.86
C GLU B 288 9.48 5.17 25.03
N LEU B 289 9.25 6.31 24.36
CA LEU B 289 10.29 6.92 23.57
C LEU B 289 11.47 7.39 24.47
N GLU B 290 11.14 7.93 25.63
CA GLU B 290 12.19 8.45 26.51
C GLU B 290 13.03 7.30 27.05
N GLU B 291 12.41 6.18 27.36
CA GLU B 291 13.14 5.03 27.83
C GLU B 291 14.07 4.46 26.75
N ILE B 292 13.64 4.50 25.49
CA ILE B 292 14.49 4.05 24.38
C ILE B 292 15.69 4.98 24.32
N MET B 293 15.42 6.28 24.43
CA MET B 293 16.48 7.28 24.42
C MET B 293 17.44 7.09 25.60
N ASN B 294 16.92 6.85 26.79
CA ASN B 294 17.76 6.65 27.97
C ASN B 294 18.66 5.42 27.80
N GLN B 295 18.14 4.32 27.27
CA GLN B 295 18.96 3.11 27.06
C GLN B 295 20.10 3.37 26.09
N LYS B 296 19.86 4.22 25.10
CA LYS B 296 20.86 4.59 24.10
C LYS B 296 21.75 5.79 24.49
N GLY B 297 21.49 6.40 25.66
CA GLY B 297 22.23 7.58 26.08
C GLY B 297 21.95 8.83 25.27
N TYR B 298 20.72 8.95 24.76
CA TYR B 298 20.35 10.09 23.92
C TYR B 298 19.56 11.04 24.82
N GLN B 299 19.88 12.33 24.78
CA GLN B 299 19.22 13.35 25.60
C GLN B 299 18.32 14.30 24.78
N SER B 300 18.48 14.30 23.45
CA SER B 300 17.65 15.05 22.55
C SER B 300 17.37 14.30 21.22
N ILE B 301 16.22 14.58 20.61
CA ILE B 301 15.84 14.00 19.32
C ILE B 301 16.90 14.31 18.26
N ALA B 302 17.59 15.42 18.36
CA ALA B 302 18.64 15.69 17.36
C ALA B 302 19.86 14.68 17.42
N ASP B 303 20.00 13.88 18.48
CA ASP B 303 21.02 12.81 18.55
C ASP B 303 20.78 11.66 17.56
N PHE B 304 19.53 11.50 17.09
CA PHE B 304 19.25 10.50 16.04
C PHE B 304 18.29 10.93 14.93
N HIS B 305 17.79 12.16 14.95
CA HIS B 305 16.85 12.63 13.96
C HIS B 305 17.47 12.49 12.59
N GLY B 306 16.80 11.75 11.69
CA GLY B 306 17.24 11.60 10.33
C GLY B 306 18.45 10.69 10.08
N LYS B 307 18.90 9.99 11.12
CA LYS B 307 20.18 9.26 11.07
C LYS B 307 20.04 7.75 10.76
N LEU B 308 18.92 7.35 10.15
CA LEU B 308 18.72 6.00 9.64
C LEU B 308 19.94 5.56 8.80
N LYS B 309 20.53 4.44 9.18
CA LYS B 309 21.74 3.94 8.49
C LYS B 309 21.33 2.97 7.37
N SER B 310 21.85 3.18 6.18
CA SER B 310 21.89 2.15 5.14
C SER B 310 22.98 1.08 5.40
N LEU B 311 22.85 -0.07 4.73
CA LEU B 311 23.87 -1.12 4.75
C LEU B 311 24.89 -0.87 3.63
N1 FMN C . 6.62 -11.60 -8.50
C2 FMN C . 6.86 -11.68 -9.85
O2 FMN C . 5.95 -11.54 -10.66
N3 FMN C . 8.12 -11.99 -10.30
C4 FMN C . 9.15 -12.25 -9.42
O4 FMN C . 10.10 -12.91 -9.84
C4A FMN C . 8.91 -12.16 -8.05
N5 FMN C . 9.93 -12.37 -7.14
C5A FMN C . 9.69 -12.34 -5.80
C6 FMN C . 10.74 -12.62 -4.94
C7 FMN C . 10.52 -12.61 -3.57
C7M FMN C . 11.44 -13.46 -2.68
C8 FMN C . 9.25 -12.28 -3.09
C8M FMN C . 8.87 -12.61 -1.66
C9 FMN C . 8.19 -12.00 -3.96
C9A FMN C . 8.40 -12.01 -5.33
N10 FMN C . 7.37 -11.74 -6.24
C10 FMN C . 7.63 -11.79 -7.60
C1' FMN C . 6.06 -11.19 -5.78
C2' FMN C . 5.19 -12.35 -5.41
O2' FMN C . 5.00 -13.05 -6.62
C3' FMN C . 3.87 -11.90 -4.76
O3' FMN C . 3.17 -11.09 -5.69
C4' FMN C . 4.10 -11.15 -3.43
O4' FMN C . 5.19 -11.70 -2.70
C5' FMN C . 2.84 -11.06 -2.59
O5' FMN C . 2.38 -12.36 -2.21
P FMN C . 2.65 -12.78 -0.71
O1P FMN C . 4.16 -12.71 -0.48
O2P FMN C . 1.99 -11.81 0.16
O3P FMN C . 2.09 -14.16 -0.43
C ACT D . 9.12 -8.74 -8.66
O ACT D . 8.31 -8.52 -9.59
OXT ACT D . 8.77 -8.55 -7.44
CH3 ACT D . 10.47 -9.22 -9.02
MG MG E . 1.81 -32.10 -7.50
C1 GOL F . 0.28 4.49 -6.62
O1 GOL F . 0.87 5.73 -6.27
C2 GOL F . -0.83 4.81 -7.58
O2 GOL F . -0.30 5.50 -8.72
C3 GOL F . -1.60 3.52 -7.89
O3 GOL F . -2.93 3.56 -7.38
N1 FMN G . -6.59 12.11 7.67
C2 FMN G . -6.80 13.40 7.24
O2 FMN G . -5.87 14.06 6.71
N3 FMN G . -8.07 13.92 7.41
C4 FMN G . -9.09 13.23 8.01
O4 FMN G . -10.15 13.79 8.35
C4A FMN G . -8.85 11.93 8.44
N5 FMN G . -9.86 11.20 9.02
C5A FMN G . -9.62 9.93 9.48
C6 FMN G . -10.63 9.24 10.13
C7 FMN G . -10.37 7.98 10.63
C7M FMN G . -11.31 7.45 11.68
C8 FMN G . -9.08 7.42 10.46
C8M FMN G . -8.65 6.25 11.31
C9 FMN G . -8.08 8.12 9.82
C9A FMN G . -8.33 9.39 9.34
N10 FMN G . -7.35 10.10 8.66
C10 FMN G . -7.58 11.37 8.24
C1' FMN G . -6.06 9.47 8.30
C2' FMN G . -5.12 9.65 9.49
O2' FMN G . -4.89 11.05 9.65
C3' FMN G . -3.81 8.91 9.28
O3' FMN G . -3.07 9.48 8.19
C4' FMN G . -4.00 7.40 9.08
O4' FMN G . -4.95 6.89 9.98
C5' FMN G . -2.71 6.65 9.24
O5' FMN G . -2.18 6.78 10.56
P FMN G . -2.46 5.56 11.56
O1P FMN G . -3.97 5.23 11.69
O2P FMN G . -1.76 4.42 10.98
O3P FMN G . -1.87 5.96 12.91
C2 34D H . -10.21 11.42 5.34
C3 34D H . -8.89 11.10 5.12
O3 34D H . -8.12 12.07 4.59
C4 34D H . -8.41 9.79 5.43
C5 34D H . -9.24 8.79 5.97
C1 34D H . -11.06 10.43 5.88
C6 34D H . -10.62 9.13 6.19
C 34D H . -12.52 10.79 6.05
O1 34D H . -13.26 10.13 5.27
O2 34D H . -12.94 11.66 6.85
O5 34D H . -8.76 7.54 6.26
MG MG I . -1.46 19.47 26.77
#